data_8US8
#
_entry.id   8US8
#
_cell.length_a   78.704
_cell.length_b   186.289
_cell.length_c   131.517
_cell.angle_alpha   90.000
_cell.angle_beta   90.000
_cell.angle_gamma   90.000
#
_symmetry.space_group_name_H-M   'C 2 2 21'
#
loop_
_entity.id
_entity.type
_entity.pdbx_description
1 polymer 'B1E11K Fab A Heavy Chain'
2 polymer 'B1E11K Fab A Kappa Light Chain'
3 polymer 'Ring-infected erythrocyte surface antigen peptide'
4 non-polymer 'SULFATE ION'
5 non-polymer 1,2-ETHANEDIOL
6 water water
#
loop_
_entity_poly.entity_id
_entity_poly.type
_entity_poly.pdbx_seq_one_letter_code
_entity_poly.pdbx_strand_id
1 'polypeptide(L)'
;EVQLVESGGGLVQPGGSLRLTCATSGFTFGSYWMTWVRQAREKGLEWVANIRHDGSETYYVDSVKGRFTISRDNANNSLF
LQMNNLRAEDTAMYYCARGSGGLVHWGHGTLVTVSSASTKGPSVFPLAPSSKSTSGGTAALGCLVKDYFPEPVTVSWNSG
ALTSGVHTFPAVLQSSGLYSLSSVVTVPSSSLGTQTYICNVNHKPSNTKVDKKVEPKSC
;
H,A
2 'polypeptide(L)'
;EIVLTQSPGTLSLSPGARATLSCRASRTFTDTYLAWYQHKPGQTPKLLIHGASSRAPGIPDRFSGSVSGTDFVLTISRLE
PEDFAIYYCQQYGRSPRSFGQGTRLEIKRTVAAPSVFIFPPSDEQLKSGTASVVCLLNNFYPREAKVQWKVDNALQSGNS
QESVTEQDSKDSTYSLSSTLTLSKADYEKHKVYACEVTHQGLSSPVTKSFNRGEC
;
L,B
3 'polypeptide(L)' (ACA)EENVEENVEENVEENVGG R
#
# COMPACT_ATOMS: atom_id res chain seq x y z
N GLU A 1 -7.57 -21.27 -20.12
CA GLU A 1 -6.98 -21.67 -18.85
C GLU A 1 -5.72 -20.87 -18.54
N VAL A 2 -5.60 -20.40 -17.31
CA VAL A 2 -4.41 -19.66 -16.89
C VAL A 2 -3.24 -20.63 -16.76
N GLN A 3 -2.17 -20.35 -17.50
CA GLN A 3 -0.99 -21.20 -17.52
C GLN A 3 0.24 -20.40 -17.11
N LEU A 4 0.96 -20.91 -16.12
CA LEU A 4 2.21 -20.30 -15.65
C LEU A 4 3.27 -21.38 -15.61
N VAL A 5 4.37 -21.18 -16.34
CA VAL A 5 5.43 -22.18 -16.47
C VAL A 5 6.75 -21.51 -16.12
N GLU A 6 7.33 -21.90 -14.99
CA GLU A 6 8.65 -21.42 -14.62
C GLU A 6 9.72 -22.25 -15.30
N SER A 7 10.72 -21.58 -15.86
CA SER A 7 11.86 -22.24 -16.46
C SER A 7 13.14 -21.60 -15.95
N GLY A 8 14.27 -22.08 -16.46
CA GLY A 8 15.56 -21.63 -16.01
C GLY A 8 15.85 -22.09 -14.59
N GLY A 9 17.06 -21.75 -14.15
CA GLY A 9 17.51 -22.07 -12.82
C GLY A 9 18.02 -23.49 -12.70
N GLY A 10 18.90 -23.75 -11.73
CA GLY A 10 19.47 -25.07 -11.53
C GLY A 10 20.55 -25.05 -10.47
N LEU A 11 21.69 -25.65 -10.78
CA LEU A 11 22.84 -25.66 -9.88
C LEU A 11 23.79 -24.54 -10.25
N VAL A 12 24.22 -23.79 -9.24
CA VAL A 12 25.13 -22.66 -9.43
C VAL A 12 25.97 -22.50 -8.17
N GLN A 13 27.12 -21.86 -8.32
CA GLN A 13 28.02 -21.62 -7.21
C GLN A 13 27.78 -20.25 -6.60
N PRO A 14 28.22 -20.02 -5.37
CA PRO A 14 28.07 -18.70 -4.75
C PRO A 14 28.69 -17.61 -5.61
N GLY A 15 27.95 -16.51 -5.77
CA GLY A 15 28.35 -15.46 -6.68
C GLY A 15 27.92 -15.65 -8.11
N GLY A 16 27.26 -16.75 -8.43
CA GLY A 16 26.80 -17.01 -9.78
C GLY A 16 25.51 -16.29 -10.11
N SER A 17 25.06 -16.48 -11.35
CA SER A 17 23.86 -15.82 -11.84
C SER A 17 22.90 -16.84 -12.43
N LEU A 18 21.61 -16.53 -12.36
CA LEU A 18 20.56 -17.34 -12.95
C LEU A 18 19.42 -16.41 -13.35
N ARG A 19 18.81 -16.68 -14.51
CA ARG A 19 17.69 -15.90 -15.01
C ARG A 19 16.47 -16.80 -15.10
N LEU A 20 15.46 -16.52 -14.29
CA LEU A 20 14.22 -17.27 -14.30
C LEU A 20 13.23 -16.65 -15.28
N THR A 21 12.50 -17.50 -15.98
CA THR A 21 11.46 -17.07 -16.91
C THR A 21 10.14 -17.73 -16.52
N CYS A 22 9.06 -16.96 -16.55
CA CYS A 22 7.71 -17.42 -16.23
C CYS A 22 6.84 -17.16 -17.45
N ALA A 23 6.81 -18.12 -18.37
CA ALA A 23 6.04 -17.98 -19.60
C ALA A 23 4.56 -18.18 -19.30
N THR A 24 3.76 -17.16 -19.60
CA THR A 24 2.34 -17.15 -19.26
C THR A 24 1.49 -17.26 -20.52
N SER A 25 0.25 -17.71 -20.31
CA SER A 25 -0.74 -17.79 -21.37
C SER A 25 -2.11 -17.98 -20.75
N GLY A 26 -3.15 -17.75 -21.56
CA GLY A 26 -4.51 -17.91 -21.10
C GLY A 26 -5.13 -16.68 -20.47
N PHE A 27 -4.45 -15.54 -20.49
CA PHE A 27 -4.98 -14.30 -19.95
C PHE A 27 -4.19 -13.14 -20.51
N THR A 28 -4.77 -11.94 -20.40
CA THR A 28 -4.08 -10.74 -20.82
C THR A 28 -2.93 -10.46 -19.87
N PHE A 29 -1.70 -10.62 -20.35
CA PHE A 29 -0.54 -10.54 -19.47
C PHE A 29 -0.31 -9.12 -18.98
N GLY A 30 -0.29 -8.15 -19.89
CA GLY A 30 0.02 -6.78 -19.53
C GLY A 30 -1.04 -6.07 -18.70
N SER A 31 -2.09 -6.80 -18.30
CA SER A 31 -3.15 -6.24 -17.48
C SER A 31 -3.02 -6.62 -16.00
N TYR A 32 -2.06 -7.46 -15.65
CA TYR A 32 -1.93 -8.00 -14.30
C TYR A 32 -0.58 -7.68 -13.71
N TRP A 33 -0.56 -7.42 -12.40
CA TRP A 33 0.67 -7.51 -11.64
C TRP A 33 1.17 -8.95 -11.66
N MET A 34 2.47 -9.11 -11.44
CA MET A 34 3.09 -10.43 -11.37
C MET A 34 3.98 -10.49 -10.14
N THR A 35 4.12 -11.69 -9.57
CA THR A 35 4.76 -11.87 -8.28
C THR A 35 5.67 -13.10 -8.31
N TRP A 36 6.82 -13.00 -7.66
CA TRP A 36 7.72 -14.13 -7.43
C TRP A 36 7.67 -14.51 -5.95
N VAL A 37 7.53 -15.82 -5.69
CA VAL A 37 7.50 -16.34 -4.33
C VAL A 37 8.41 -17.56 -4.27
N ARG A 38 9.12 -17.73 -3.16
CA ARG A 38 10.04 -18.83 -2.98
C ARG A 38 9.81 -19.50 -1.63
N GLN A 39 10.27 -20.75 -1.54
CA GLN A 39 10.23 -21.51 -0.29
C GLN A 39 11.47 -22.39 -0.21
N ALA A 40 12.25 -22.24 0.85
CA ALA A 40 13.48 -22.99 1.04
C ALA A 40 13.22 -24.20 1.92
N ARG A 41 14.20 -25.12 1.91
CA ARG A 41 14.07 -26.36 2.66
C ARG A 41 13.96 -26.07 4.16
N GLU A 42 12.97 -26.70 4.80
CA GLU A 42 12.73 -26.60 6.23
C GLU A 42 12.38 -25.18 6.67
N LYS A 43 11.90 -24.35 5.75
CA LYS A 43 11.48 -22.99 6.06
C LYS A 43 10.11 -22.74 5.44
N GLY A 44 9.55 -21.56 5.70
CA GLY A 44 8.24 -21.21 5.23
C GLY A 44 8.25 -20.44 3.92
N LEU A 45 7.05 -20.11 3.45
CA LEU A 45 6.91 -19.31 2.23
C LEU A 45 7.46 -17.91 2.45
N GLU A 46 8.12 -17.38 1.42
CA GLU A 46 8.70 -16.05 1.47
C GLU A 46 8.34 -15.28 0.21
N TRP A 47 7.77 -14.09 0.39
CA TRP A 47 7.49 -13.19 -0.71
C TRP A 47 8.78 -12.50 -1.13
N VAL A 48 9.08 -12.54 -2.42
CA VAL A 48 10.36 -12.09 -2.94
C VAL A 48 10.24 -10.76 -3.66
N ALA A 49 9.36 -10.68 -4.66
CA ALA A 49 9.23 -9.46 -5.44
C ALA A 49 7.92 -9.49 -6.21
N ASN A 50 7.49 -8.31 -6.65
CA ASN A 50 6.38 -8.18 -7.58
C ASN A 50 6.64 -6.99 -8.48
N ILE A 51 5.85 -6.89 -9.55
CA ILE A 51 6.04 -5.86 -10.58
C ILE A 51 4.67 -5.42 -11.07
N ARG A 52 4.55 -4.12 -11.37
CA ARG A 52 3.30 -3.57 -11.87
C ARG A 52 3.02 -4.09 -13.28
N HIS A 53 1.79 -3.83 -13.75
CA HIS A 53 1.38 -4.34 -15.06
C HIS A 53 2.25 -3.78 -16.18
N ASP A 54 2.59 -2.49 -16.11
CA ASP A 54 3.43 -1.87 -17.12
C ASP A 54 4.91 -1.90 -16.76
N GLY A 55 5.27 -2.54 -15.65
CA GLY A 55 6.66 -2.63 -15.25
C GLY A 55 7.28 -1.34 -14.77
N SER A 56 6.48 -0.34 -14.42
CA SER A 56 7.03 0.95 -13.99
C SER A 56 7.33 0.98 -12.50
N GLU A 57 6.87 0.00 -11.73
CA GLU A 57 7.11 -0.05 -10.30
C GLU A 57 7.48 -1.47 -9.91
N THR A 58 8.59 -1.62 -9.18
CA THR A 58 9.06 -2.90 -8.69
C THR A 58 9.34 -2.80 -7.20
N TYR A 59 9.03 -3.87 -6.47
CA TYR A 59 9.25 -3.94 -5.03
C TYR A 59 9.90 -5.27 -4.70
N TYR A 60 10.78 -5.25 -3.70
CA TYR A 60 11.58 -6.42 -3.37
C TYR A 60 11.61 -6.64 -1.87
N VAL A 61 11.85 -7.89 -1.47
CA VAL A 61 12.17 -8.18 -0.09
C VAL A 61 13.60 -7.73 0.19
N ASP A 62 13.88 -7.39 1.45
CA ASP A 62 15.14 -6.73 1.78
C ASP A 62 16.35 -7.61 1.46
N SER A 63 16.22 -8.93 1.65
CA SER A 63 17.36 -9.83 1.49
C SER A 63 17.84 -9.96 0.06
N VAL A 64 17.07 -9.52 -0.94
CA VAL A 64 17.43 -9.66 -2.34
C VAL A 64 17.65 -8.31 -3.01
N LYS A 65 17.50 -7.21 -2.29
CA LYS A 65 17.71 -5.89 -2.89
C LYS A 65 19.15 -5.73 -3.34
N GLY A 66 19.33 -5.16 -4.53
CA GLY A 66 20.64 -5.01 -5.12
C GLY A 66 21.17 -6.25 -5.81
N ARG A 67 20.59 -7.41 -5.57
CA ARG A 67 21.02 -8.67 -6.17
C ARG A 67 20.02 -9.24 -7.18
N PHE A 68 18.73 -9.21 -6.84
CA PHE A 68 17.68 -9.71 -7.73
C PHE A 68 17.03 -8.54 -8.47
N THR A 69 16.62 -8.80 -9.71
CA THR A 69 15.90 -7.83 -10.51
C THR A 69 14.72 -8.51 -11.18
N ILE A 70 13.52 -7.99 -10.96
CA ILE A 70 12.30 -8.50 -11.57
C ILE A 70 11.97 -7.62 -12.77
N SER A 71 11.60 -8.25 -13.88
CA SER A 71 11.27 -7.52 -15.10
C SER A 71 10.23 -8.33 -15.88
N ARG A 72 9.73 -7.72 -16.95
CA ARG A 72 8.68 -8.35 -17.74
C ARG A 72 8.74 -7.83 -19.16
N ASP A 73 8.25 -8.66 -20.09
CA ASP A 73 8.08 -8.30 -21.49
C ASP A 73 6.63 -8.64 -21.85
N ASN A 74 5.78 -7.61 -21.92
CA ASN A 74 4.35 -7.85 -22.13
C ASN A 74 4.03 -8.33 -23.54
N ALA A 75 4.90 -8.05 -24.51
CA ALA A 75 4.68 -8.56 -25.86
C ALA A 75 5.01 -10.05 -25.98
N ASN A 76 5.82 -10.58 -25.06
CA ASN A 76 6.20 -11.98 -25.08
C ASN A 76 5.50 -12.80 -24.01
N ASN A 77 4.68 -12.18 -23.15
CA ASN A 77 3.98 -12.87 -22.08
C ASN A 77 4.95 -13.60 -21.16
N SER A 78 6.02 -12.91 -20.77
CA SER A 78 7.09 -13.51 -19.98
C SER A 78 7.43 -12.64 -18.79
N LEU A 79 7.53 -13.26 -17.62
CA LEU A 79 7.99 -12.61 -16.40
C LEU A 79 9.38 -13.13 -16.06
N PHE A 80 10.28 -12.23 -15.68
CA PHE A 80 11.67 -12.58 -15.45
C PHE A 80 12.07 -12.27 -14.01
N LEU A 81 13.10 -12.97 -13.55
CA LEU A 81 13.70 -12.75 -12.23
C LEU A 81 15.21 -12.97 -12.39
N GLN A 82 15.93 -11.90 -12.71
CA GLN A 82 17.38 -11.97 -12.85
C GLN A 82 18.01 -12.04 -11.47
N MET A 83 18.66 -13.16 -11.18
CA MET A 83 19.25 -13.42 -9.87
C MET A 83 20.77 -13.34 -9.99
N ASN A 84 21.35 -12.29 -9.44
CA ASN A 84 22.80 -12.07 -9.43
C ASN A 84 23.34 -12.24 -8.02
N ASN A 85 24.62 -12.63 -7.94
CA ASN A 85 25.33 -12.77 -6.66
C ASN A 85 24.56 -13.69 -5.71
N LEU A 86 24.25 -14.89 -6.20
CA LEU A 86 23.43 -15.83 -5.44
C LEU A 86 24.18 -16.34 -4.22
N ARG A 87 23.42 -16.68 -3.18
CA ARG A 87 23.94 -17.16 -1.92
C ARG A 87 23.34 -18.52 -1.60
N ALA A 88 23.96 -19.22 -0.64
CA ALA A 88 23.47 -20.52 -0.23
C ALA A 88 22.03 -20.45 0.29
N GLU A 89 21.70 -19.37 1.00
CA GLU A 89 20.34 -19.20 1.51
C GLU A 89 19.34 -18.87 0.42
N ASP A 90 19.78 -18.64 -0.81
CA ASP A 90 18.87 -18.46 -1.93
C ASP A 90 18.38 -19.79 -2.51
N THR A 91 18.93 -20.91 -2.04
CA THR A 91 18.50 -22.22 -2.52
C THR A 91 17.06 -22.48 -2.09
N ALA A 92 16.15 -22.54 -3.06
CA ALA A 92 14.73 -22.68 -2.76
C ALA A 92 13.98 -23.04 -4.03
N MET A 93 12.70 -23.33 -3.88
CA MET A 93 11.78 -23.50 -5.00
C MET A 93 11.10 -22.18 -5.28
N TYR A 94 11.21 -21.71 -6.52
CA TYR A 94 10.74 -20.39 -6.91
C TYR A 94 9.46 -20.50 -7.72
N TYR A 95 8.39 -19.90 -7.23
CA TYR A 95 7.10 -19.89 -7.90
C TYR A 95 6.82 -18.51 -8.44
N CYS A 96 6.15 -18.45 -9.60
CA CYS A 96 5.59 -17.21 -10.12
C CYS A 96 4.08 -17.26 -10.03
N ALA A 97 3.48 -16.19 -9.52
CA ALA A 97 2.05 -16.12 -9.34
C ALA A 97 1.51 -14.87 -10.04
N ARG A 98 0.23 -14.92 -10.38
CA ARG A 98 -0.43 -13.81 -11.03
C ARG A 98 -1.02 -12.85 -10.00
N GLY A 99 -1.01 -11.56 -10.33
CA GLY A 99 -1.55 -10.55 -9.46
C GLY A 99 -0.55 -10.09 -8.41
N SER A 100 -1.03 -9.20 -7.54
CA SER A 100 -0.22 -8.70 -6.43
C SER A 100 -0.90 -8.83 -5.07
N GLY A 101 -2.09 -9.42 -5.00
CA GLY A 101 -2.76 -9.61 -3.73
C GLY A 101 -2.89 -11.06 -3.34
N GLY A 102 -4.11 -11.51 -3.10
CA GLY A 102 -4.36 -12.93 -2.90
C GLY A 102 -3.95 -13.72 -4.13
N LEU A 103 -2.88 -14.49 -4.01
CA LEU A 103 -2.31 -15.19 -5.16
C LEU A 103 -3.11 -16.46 -5.43
N VAL A 104 -3.95 -16.41 -6.47
CA VAL A 104 -4.81 -17.54 -6.81
C VAL A 104 -4.12 -18.51 -7.76
N HIS A 105 -3.51 -17.99 -8.82
CA HIS A 105 -2.91 -18.81 -9.87
C HIS A 105 -1.40 -18.85 -9.66
N TRP A 106 -0.89 -20.05 -9.35
CA TRP A 106 0.54 -20.29 -9.15
C TRP A 106 1.10 -21.07 -10.32
N GLY A 107 2.43 -21.01 -10.46
CA GLY A 107 3.14 -21.90 -11.35
C GLY A 107 3.59 -23.15 -10.63
N HIS A 108 4.14 -24.10 -11.40
CA HIS A 108 4.58 -25.36 -10.81
C HIS A 108 5.81 -25.16 -9.94
N GLY A 109 6.68 -24.21 -10.28
CA GLY A 109 7.85 -23.93 -9.50
C GLY A 109 9.12 -24.55 -10.06
N THR A 110 10.19 -23.76 -10.11
CA THR A 110 11.49 -24.26 -10.53
C THR A 110 12.46 -24.22 -9.36
N LEU A 111 13.44 -25.12 -9.38
CA LEU A 111 14.34 -25.32 -8.25
C LEU A 111 15.68 -24.66 -8.54
N VAL A 112 16.14 -23.85 -7.60
CA VAL A 112 17.44 -23.17 -7.68
C VAL A 112 18.29 -23.66 -6.52
N THR A 113 19.48 -24.19 -6.83
CA THR A 113 20.40 -24.69 -5.83
C THR A 113 21.70 -23.91 -5.93
N VAL A 114 22.07 -23.24 -4.84
CA VAL A 114 23.32 -22.48 -4.77
C VAL A 114 24.21 -23.14 -3.73
N SER A 115 25.38 -23.61 -4.16
CA SER A 115 26.30 -24.29 -3.26
C SER A 115 27.68 -24.34 -3.89
N SER A 116 28.71 -24.22 -3.05
CA SER A 116 30.09 -24.39 -3.49
C SER A 116 30.47 -25.85 -3.64
N ALA A 117 29.63 -26.77 -3.19
CA ALA A 117 29.92 -28.20 -3.33
C ALA A 117 29.79 -28.63 -4.79
N SER A 118 30.46 -29.72 -5.12
CA SER A 118 30.42 -30.31 -6.45
C SER A 118 29.62 -31.59 -6.44
N THR A 119 29.35 -32.10 -7.64
CA THR A 119 28.58 -33.33 -7.78
C THR A 119 29.38 -34.52 -7.24
N LYS A 120 28.75 -35.31 -6.39
CA LYS A 120 29.40 -36.47 -5.80
C LYS A 120 28.35 -37.54 -5.52
N GLY A 121 28.69 -38.77 -5.88
CA GLY A 121 27.85 -39.91 -5.57
C GLY A 121 27.92 -40.28 -4.10
N PRO A 122 26.90 -41.00 -3.62
CA PRO A 122 26.84 -41.34 -2.20
C PRO A 122 27.64 -42.59 -1.87
N SER A 123 28.06 -42.67 -0.61
CA SER A 123 28.75 -43.83 -0.05
C SER A 123 27.77 -44.56 0.86
N VAL A 124 27.30 -45.71 0.41
CA VAL A 124 26.30 -46.47 1.14
C VAL A 124 26.97 -47.36 2.18
N PHE A 125 26.55 -47.22 3.43
CA PHE A 125 27.04 -48.05 4.53
C PHE A 125 25.87 -48.77 5.18
N PRO A 126 26.09 -49.97 5.71
CA PRO A 126 24.98 -50.72 6.32
C PRO A 126 24.82 -50.41 7.80
N LEU A 127 23.58 -50.60 8.25
CA LEU A 127 23.21 -50.49 9.66
C LEU A 127 22.79 -51.89 10.10
N ALA A 128 23.79 -52.72 10.45
CA ALA A 128 23.59 -54.14 10.73
C ALA A 128 22.86 -54.34 12.04
N PRO A 129 21.93 -55.29 12.10
CA PRO A 129 21.27 -55.62 13.37
C PRO A 129 22.22 -56.32 14.32
N SER A 130 21.79 -56.40 15.58
CA SER A 130 22.57 -57.06 16.61
C SER A 130 21.70 -57.45 17.80
N GLY A 137 11.45 -56.89 20.60
CA GLY A 137 10.36 -57.42 19.80
C GLY A 137 10.80 -57.99 18.47
N THR A 138 11.07 -57.11 17.51
CA THR A 138 11.54 -57.48 16.19
C THR A 138 12.97 -56.99 16.00
N ALA A 139 13.39 -56.85 14.75
CA ALA A 139 14.74 -56.42 14.42
C ALA A 139 14.69 -55.18 13.54
N ALA A 140 15.69 -54.31 13.72
CA ALA A 140 15.80 -53.08 12.97
C ALA A 140 17.10 -53.09 12.17
N LEU A 141 17.00 -52.75 10.88
CA LEU A 141 18.17 -52.66 10.02
C LEU A 141 17.95 -51.53 9.03
N GLY A 142 19.05 -51.06 8.44
CA GLY A 142 18.94 -49.95 7.52
C GLY A 142 20.22 -49.73 6.76
N CYS A 143 20.20 -48.69 5.92
CA CYS A 143 21.34 -48.30 5.11
C CYS A 143 21.59 -46.81 5.28
N LEU A 144 22.86 -46.43 5.44
CA LEU A 144 23.25 -45.05 5.62
C LEU A 144 23.80 -44.51 4.30
N VAL A 145 23.03 -43.66 3.64
CA VAL A 145 23.43 -43.02 2.40
C VAL A 145 24.06 -41.67 2.75
N LYS A 146 25.38 -41.57 2.58
CA LYS A 146 26.13 -40.44 3.12
C LYS A 146 26.95 -39.76 2.04
N ASP A 147 27.10 -38.44 2.18
CA ASP A 147 28.07 -37.64 1.42
C ASP A 147 27.77 -37.68 -0.09
N TYR A 148 26.62 -37.12 -0.45
CA TYR A 148 26.23 -36.99 -1.84
C TYR A 148 25.73 -35.58 -2.09
N PHE A 149 25.84 -35.15 -3.36
CA PHE A 149 25.37 -33.84 -3.78
C PHE A 149 25.19 -33.91 -5.28
N PRO A 150 24.10 -33.39 -5.83
CA PRO A 150 22.98 -32.72 -5.15
C PRO A 150 21.83 -33.68 -4.84
N GLU A 151 20.73 -33.14 -4.32
CA GLU A 151 19.51 -33.91 -4.17
C GLU A 151 18.95 -34.26 -5.54
N PRO A 152 18.11 -35.31 -5.63
CA PRO A 152 17.73 -36.25 -4.57
C PRO A 152 18.29 -37.65 -4.76
N VAL A 153 18.04 -38.54 -3.81
CA VAL A 153 18.42 -39.96 -3.91
C VAL A 153 17.17 -40.79 -3.65
N THR A 154 16.90 -41.74 -4.53
CA THR A 154 15.82 -42.70 -4.34
C THR A 154 16.37 -43.96 -3.68
N VAL A 155 15.61 -44.50 -2.73
CA VAL A 155 16.01 -45.68 -1.97
C VAL A 155 14.88 -46.70 -2.02
N SER A 156 15.22 -47.95 -2.31
CA SER A 156 14.27 -49.05 -2.30
C SER A 156 14.95 -50.28 -1.70
N TRP A 157 14.13 -51.19 -1.18
CA TRP A 157 14.60 -52.40 -0.53
C TRP A 157 14.14 -53.62 -1.29
N ASN A 158 15.10 -54.50 -1.62
CA ASN A 158 14.84 -55.74 -2.36
C ASN A 158 14.14 -55.46 -3.69
N SER A 159 14.69 -54.51 -4.44
CA SER A 159 14.18 -54.13 -5.76
C SER A 159 12.73 -53.68 -5.71
N GLY A 160 12.29 -53.15 -4.57
CA GLY A 160 10.93 -52.70 -4.41
C GLY A 160 9.96 -53.76 -3.92
N ALA A 161 10.44 -54.91 -3.46
CA ALA A 161 9.55 -55.93 -2.93
C ALA A 161 9.18 -55.68 -1.48
N LEU A 162 10.09 -55.09 -0.71
CA LEU A 162 9.84 -54.74 0.69
C LEU A 162 9.48 -53.26 0.76
N THR A 163 8.18 -52.97 0.68
CA THR A 163 7.69 -51.61 0.74
C THR A 163 6.92 -51.30 2.01
N SER A 164 6.59 -52.30 2.82
CA SER A 164 5.84 -52.11 4.06
C SER A 164 6.80 -52.09 5.24
N GLY A 165 6.64 -51.09 6.10
CA GLY A 165 7.49 -50.94 7.27
C GLY A 165 8.79 -50.20 7.02
N VAL A 166 8.98 -49.64 5.82
CA VAL A 166 10.21 -48.93 5.48
C VAL A 166 10.02 -47.46 5.75
N HIS A 167 11.04 -46.85 6.36
CA HIS A 167 11.04 -45.42 6.67
C HIS A 167 12.30 -44.79 6.09
N THR A 168 12.16 -44.09 4.97
CA THR A 168 13.25 -43.33 4.38
C THR A 168 13.11 -41.87 4.82
N PHE A 169 14.06 -41.41 5.62
CA PHE A 169 14.00 -40.09 6.21
C PHE A 169 14.26 -39.01 5.15
N PRO A 170 14.03 -37.75 5.49
CA PRO A 170 14.51 -36.66 4.62
C PRO A 170 15.98 -36.36 4.90
N ALA A 171 16.70 -36.02 3.83
CA ALA A 171 18.13 -35.81 3.93
C ALA A 171 18.45 -34.57 4.76
N VAL A 172 19.59 -34.61 5.43
CA VAL A 172 20.12 -33.49 6.21
C VAL A 172 21.31 -32.92 5.47
N LEU A 173 21.47 -31.59 5.51
CA LEU A 173 22.58 -30.91 4.87
C LEU A 173 23.69 -30.72 5.89
N GLN A 174 24.84 -31.34 5.63
CA GLN A 174 25.97 -31.28 6.55
C GLN A 174 26.74 -29.97 6.37
N SER A 175 27.67 -29.74 7.31
CA SER A 175 28.46 -28.51 7.26
C SER A 175 29.33 -28.45 6.01
N SER A 176 29.79 -29.62 5.54
CA SER A 176 30.60 -29.67 4.34
C SER A 176 29.83 -29.32 3.07
N GLY A 177 28.50 -29.24 3.15
CA GLY A 177 27.68 -28.98 2.00
C GLY A 177 27.11 -30.21 1.33
N LEU A 178 27.35 -31.40 1.87
CA LEU A 178 26.86 -32.64 1.30
C LEU A 178 25.67 -33.14 2.12
N TYR A 179 24.74 -33.80 1.43
CA TYR A 179 23.56 -34.36 2.07
C TYR A 179 23.81 -35.78 2.55
N SER A 180 23.19 -36.14 3.66
CA SER A 180 23.31 -37.47 4.23
C SER A 180 21.92 -38.04 4.48
N LEU A 181 21.73 -39.31 4.14
CA LEU A 181 20.43 -39.95 4.19
C LEU A 181 20.54 -41.29 4.92
N SER A 182 19.48 -41.63 5.66
CA SER A 182 19.38 -42.91 6.34
C SER A 182 18.00 -43.50 6.10
N SER A 183 17.97 -44.75 5.64
CA SER A 183 16.75 -45.51 5.46
C SER A 183 16.75 -46.67 6.43
N VAL A 184 15.58 -47.01 6.96
CA VAL A 184 15.44 -48.07 7.96
C VAL A 184 14.21 -48.91 7.65
N VAL A 185 14.17 -50.11 8.23
CA VAL A 185 13.05 -51.03 8.07
C VAL A 185 13.08 -52.00 9.24
N THR A 186 11.90 -52.40 9.70
CA THR A 186 11.76 -53.33 10.82
C THR A 186 11.19 -54.65 10.33
N VAL A 187 11.83 -55.74 10.72
CA VAL A 187 11.39 -57.09 10.35
C VAL A 187 11.52 -58.02 11.54
N PRO A 188 10.71 -59.07 11.57
CA PRO A 188 10.82 -60.06 12.66
C PRO A 188 12.12 -60.85 12.55
N SER A 189 12.49 -61.44 13.68
CA SER A 189 13.72 -62.23 13.75
C SER A 189 13.62 -63.57 13.03
N SER A 190 12.44 -63.91 12.48
CA SER A 190 12.31 -65.16 11.75
C SER A 190 12.99 -65.09 10.39
N SER A 191 12.86 -63.96 9.70
CA SER A 191 13.52 -63.73 8.43
C SER A 191 14.89 -63.10 8.59
N LEU A 192 15.48 -63.17 9.78
CA LEU A 192 16.76 -62.52 10.04
C LEU A 192 17.89 -63.19 9.26
N GLY A 193 18.00 -64.51 9.36
CA GLY A 193 19.05 -65.23 8.67
C GLY A 193 18.58 -65.89 7.38
N THR A 194 17.26 -66.14 7.30
CA THR A 194 16.72 -66.79 6.10
C THR A 194 16.67 -65.82 4.93
N GLN A 195 16.10 -64.64 5.14
CA GLN A 195 15.94 -63.65 4.08
C GLN A 195 17.11 -62.68 4.07
N THR A 196 17.60 -62.37 2.87
CA THR A 196 18.68 -61.40 2.68
C THR A 196 18.09 -60.09 2.21
N TYR A 197 18.44 -59.01 2.90
CA TYR A 197 17.90 -57.68 2.63
C TYR A 197 18.96 -56.82 1.96
N ILE A 198 18.61 -56.24 0.82
CA ILE A 198 19.53 -55.42 0.03
C ILE A 198 18.82 -54.12 -0.33
N CYS A 199 19.36 -53.00 0.14
CA CYS A 199 18.82 -51.70 -0.19
C CYS A 199 19.38 -51.23 -1.54
N ASN A 200 18.50 -50.67 -2.37
CA ASN A 200 18.85 -50.23 -3.71
C ASN A 200 18.90 -48.71 -3.71
N VAL A 201 20.10 -48.15 -3.80
CA VAL A 201 20.32 -46.71 -3.77
C VAL A 201 20.60 -46.23 -5.19
N ASN A 202 19.91 -45.17 -5.60
CA ASN A 202 20.07 -44.58 -6.93
C ASN A 202 20.30 -43.09 -6.79
N HIS A 203 21.36 -42.59 -7.44
CA HIS A 203 21.68 -41.16 -7.47
C HIS A 203 21.91 -40.77 -8.92
N LYS A 204 20.89 -40.22 -9.55
CA LYS A 204 20.90 -39.90 -10.97
C LYS A 204 21.85 -38.76 -11.36
N PRO A 205 21.91 -37.65 -10.60
CA PRO A 205 22.84 -36.57 -10.98
C PRO A 205 24.30 -36.98 -10.99
N SER A 206 24.64 -38.18 -10.49
CA SER A 206 25.99 -38.71 -10.62
C SER A 206 26.00 -40.07 -11.32
N ASN A 207 24.84 -40.57 -11.74
CA ASN A 207 24.73 -41.88 -12.39
C ASN A 207 25.33 -42.97 -11.52
N THR A 208 25.00 -42.92 -10.23
CA THR A 208 25.53 -43.85 -9.24
C THR A 208 24.40 -44.73 -8.72
N LYS A 209 24.54 -46.04 -8.91
CA LYS A 209 23.59 -47.03 -8.43
C LYS A 209 24.33 -48.04 -7.58
N VAL A 210 23.96 -48.13 -6.30
CA VAL A 210 24.64 -48.97 -5.33
C VAL A 210 23.64 -49.95 -4.74
N ASP A 211 24.04 -51.21 -4.64
CA ASP A 211 23.23 -52.26 -4.02
C ASP A 211 24.10 -52.97 -2.98
N LYS A 212 23.86 -52.65 -1.71
CA LYS A 212 24.61 -53.22 -0.60
C LYS A 212 23.72 -54.12 0.23
N LYS A 213 24.24 -55.30 0.59
CA LYS A 213 23.51 -56.24 1.41
C LYS A 213 23.85 -56.02 2.89
N VAL A 214 22.81 -56.06 3.73
CA VAL A 214 22.94 -55.85 5.16
C VAL A 214 22.77 -57.21 5.83
N GLU A 215 23.86 -57.74 6.38
CA GLU A 215 23.83 -59.05 7.02
C GLU A 215 23.95 -58.92 8.54
N PRO A 216 23.20 -59.72 9.29
CA PRO A 216 23.27 -59.62 10.76
C PRO A 216 24.60 -60.12 11.27
N LYS A 217 25.24 -59.31 12.13
CA LYS A 217 26.52 -59.69 12.72
C LYS A 217 26.38 -59.88 14.22
N GLU B 1 8.50 -2.55 9.97
CA GLU B 1 7.53 -3.27 9.15
C GLU B 1 6.61 -4.11 10.02
N ILE B 2 5.41 -4.39 9.51
CA ILE B 2 4.45 -5.22 10.21
C ILE B 2 4.86 -6.68 10.06
N VAL B 3 5.04 -7.37 11.18
CA VAL B 3 5.45 -8.77 11.21
C VAL B 3 4.26 -9.61 11.66
N LEU B 4 3.96 -10.66 10.89
CA LEU B 4 2.86 -11.57 11.18
C LEU B 4 3.40 -12.78 11.92
N THR B 5 2.78 -13.09 13.07
CA THR B 5 3.15 -14.25 13.88
C THR B 5 1.93 -15.15 14.03
N GLN B 6 2.05 -16.39 13.59
CA GLN B 6 0.93 -17.32 13.63
C GLN B 6 0.92 -18.13 14.91
N SER B 7 -0.27 -18.51 15.35
CA SER B 7 -0.45 -19.28 16.57
C SER B 7 -1.55 -20.32 16.36
N PRO B 8 -1.35 -21.55 16.87
CA PRO B 8 -0.18 -22.04 17.59
C PRO B 8 0.90 -22.53 16.63
N GLY B 9 2.06 -22.97 17.13
CA GLY B 9 3.07 -23.53 16.26
C GLY B 9 2.59 -24.80 15.57
N THR B 10 2.09 -25.74 16.37
CA THR B 10 1.53 -26.98 15.86
C THR B 10 0.14 -27.18 16.45
N LEU B 11 -0.83 -27.48 15.61
CA LEU B 11 -2.21 -27.70 16.02
C LEU B 11 -2.55 -29.17 15.82
N SER B 12 -2.92 -29.86 16.90
CA SER B 12 -3.17 -31.29 16.88
C SER B 12 -4.67 -31.53 17.12
N LEU B 13 -5.37 -31.95 16.08
CA LEU B 13 -6.80 -32.22 16.16
C LEU B 13 -7.11 -33.52 15.44
N SER B 14 -8.33 -34.02 15.64
CA SER B 14 -8.83 -35.23 15.01
C SER B 14 -9.83 -34.86 13.91
N PRO B 15 -10.02 -35.73 12.91
CA PRO B 15 -10.98 -35.43 11.85
C PRO B 15 -12.37 -35.18 12.40
N GLY B 16 -13.05 -34.18 11.85
CA GLY B 16 -14.36 -33.77 12.30
C GLY B 16 -14.37 -32.68 13.35
N ALA B 17 -13.22 -32.36 13.93
CA ALA B 17 -13.14 -31.35 14.97
C ALA B 17 -13.16 -29.94 14.37
N ARG B 18 -13.17 -28.95 15.24
CA ARG B 18 -13.22 -27.54 14.85
C ARG B 18 -11.83 -26.93 14.98
N ALA B 19 -11.34 -26.35 13.90
CA ALA B 19 -9.98 -25.81 13.84
C ALA B 19 -10.02 -24.29 13.83
N THR B 20 -9.16 -23.69 14.65
CA THR B 20 -9.02 -22.24 14.73
C THR B 20 -7.53 -21.89 14.69
N LEU B 21 -7.12 -21.19 13.64
CA LEU B 21 -5.73 -20.81 13.44
C LEU B 21 -5.62 -19.29 13.49
N SER B 22 -4.63 -18.80 14.21
CA SER B 22 -4.48 -17.37 14.47
C SER B 22 -3.32 -16.79 13.68
N CYS B 23 -3.33 -15.46 13.54
CA CYS B 23 -2.30 -14.76 12.79
C CYS B 23 -2.28 -13.32 13.31
N ARG B 24 -1.38 -13.05 14.26
CA ARG B 24 -1.33 -11.75 14.94
C ARG B 24 -0.23 -10.89 14.35
N ALA B 25 -0.49 -9.58 14.29
CA ALA B 25 0.40 -8.62 13.67
C ALA B 25 1.11 -7.78 14.72
N SER B 26 2.25 -7.21 14.32
CA SER B 26 3.03 -6.36 15.21
C SER B 26 2.21 -5.19 15.72
N ARG B 27 1.38 -4.60 14.86
CA ARG B 27 0.50 -3.51 15.23
C ARG B 27 -0.93 -3.87 14.81
N THR B 28 -1.87 -3.01 15.16
CA THR B 28 -3.28 -3.25 14.86
C THR B 28 -3.52 -3.25 13.36
N PHE B 29 -4.29 -4.24 12.90
CA PHE B 29 -4.66 -4.31 11.50
C PHE B 29 -5.45 -3.07 11.09
N THR B 30 -5.15 -2.56 9.89
CA THR B 30 -5.80 -1.37 9.36
C THR B 30 -6.41 -1.59 7.98
N ASP B 31 -6.44 -2.83 7.49
CA ASP B 31 -7.00 -3.11 6.17
C ASP B 31 -7.50 -4.55 6.15
N THR B 32 -8.06 -4.95 5.01
CA THR B 32 -8.53 -6.32 4.80
C THR B 32 -7.71 -7.04 3.74
N TYR B 33 -6.53 -6.51 3.40
CA TYR B 33 -5.64 -7.14 2.43
C TYR B 33 -4.88 -8.28 3.09
N LEU B 34 -5.64 -9.31 3.47
CA LEU B 34 -5.13 -10.45 4.20
C LEU B 34 -5.59 -11.74 3.54
N ALA B 35 -4.74 -12.76 3.60
CA ALA B 35 -5.03 -14.01 2.91
C ALA B 35 -4.60 -15.19 3.77
N TRP B 36 -5.18 -16.36 3.46
CA TRP B 36 -4.81 -17.63 4.05
C TRP B 36 -4.49 -18.62 2.96
N TYR B 37 -3.40 -19.36 3.13
CA TYR B 37 -2.95 -20.33 2.13
C TYR B 37 -2.81 -21.71 2.77
N GLN B 38 -3.03 -22.73 1.94
CA GLN B 38 -2.81 -24.12 2.31
C GLN B 38 -1.65 -24.67 1.50
N HIS B 39 -0.75 -25.40 2.17
CA HIS B 39 0.42 -25.95 1.50
C HIS B 39 0.69 -27.35 2.05
N LYS B 40 0.65 -28.34 1.17
CA LYS B 40 1.02 -29.74 1.35
C LYS B 40 2.38 -30.00 0.74
N PRO B 41 3.23 -30.80 1.41
CA PRO B 41 4.59 -30.99 0.92
C PRO B 41 4.62 -31.62 -0.47
N GLY B 42 5.41 -31.02 -1.36
CA GLY B 42 5.49 -31.46 -2.74
C GLY B 42 4.39 -30.98 -3.63
N GLN B 43 3.40 -30.26 -3.10
CA GLN B 43 2.28 -29.76 -3.88
C GLN B 43 2.29 -28.24 -3.93
N THR B 44 1.64 -27.70 -4.94
CA THR B 44 1.61 -26.26 -5.13
C THR B 44 0.77 -25.59 -4.04
N PRO B 45 1.23 -24.46 -3.49
CA PRO B 45 0.39 -23.72 -2.53
C PRO B 45 -0.95 -23.33 -3.13
N LYS B 46 -1.92 -23.16 -2.24
CA LYS B 46 -3.30 -22.97 -2.69
C LYS B 46 -3.96 -21.91 -1.84
N LEU B 47 -4.55 -20.91 -2.49
CA LEU B 47 -5.26 -19.88 -1.75
C LEU B 47 -6.59 -20.41 -1.21
N LEU B 48 -6.89 -20.05 0.03
CA LEU B 48 -8.15 -20.43 0.67
C LEU B 48 -9.07 -19.24 0.90
N ILE B 49 -8.53 -18.14 1.42
CA ILE B 49 -9.31 -16.96 1.76
C ILE B 49 -8.51 -15.72 1.38
N HIS B 50 -9.16 -14.80 0.67
CA HIS B 50 -8.59 -13.50 0.38
C HIS B 50 -9.53 -12.42 0.88
N GLY B 51 -9.03 -11.20 0.99
CA GLY B 51 -9.84 -10.13 1.53
C GLY B 51 -10.29 -10.37 2.96
N ALA B 52 -9.51 -11.12 3.73
CA ALA B 52 -9.72 -11.38 5.15
C ALA B 52 -10.91 -12.29 5.42
N SER B 53 -11.92 -12.27 4.54
CA SER B 53 -13.11 -13.07 4.79
C SER B 53 -13.79 -13.61 3.53
N SER B 54 -13.15 -13.58 2.36
CA SER B 54 -13.75 -14.09 1.14
C SER B 54 -13.09 -15.38 0.72
N ARG B 55 -13.88 -16.41 0.47
CA ARG B 55 -13.37 -17.69 0.02
C ARG B 55 -12.94 -17.61 -1.44
N ALA B 56 -11.76 -18.14 -1.74
CA ALA B 56 -11.32 -18.23 -3.12
C ALA B 56 -12.23 -19.18 -3.90
N PRO B 57 -12.25 -19.07 -5.23
CA PRO B 57 -13.10 -19.97 -6.03
C PRO B 57 -12.76 -21.43 -5.78
N GLY B 58 -13.80 -22.23 -5.56
CA GLY B 58 -13.66 -23.66 -5.36
C GLY B 58 -13.42 -24.09 -3.93
N ILE B 59 -13.12 -23.16 -3.02
CA ILE B 59 -12.84 -23.53 -1.63
C ILE B 59 -14.13 -23.98 -0.96
N PRO B 60 -14.12 -25.12 -0.26
CA PRO B 60 -15.35 -25.56 0.41
C PRO B 60 -15.80 -24.57 1.48
N ASP B 61 -17.09 -24.66 1.81
CA ASP B 61 -17.72 -23.71 2.72
C ASP B 61 -17.21 -23.85 4.15
N ARG B 62 -16.57 -24.97 4.49
CA ARG B 62 -16.07 -25.17 5.85
C ARG B 62 -14.89 -24.28 6.18
N PHE B 63 -14.35 -23.55 5.20
CA PHE B 63 -13.28 -22.59 5.43
C PHE B 63 -13.86 -21.19 5.51
N SER B 64 -13.56 -20.49 6.61
CA SER B 64 -14.05 -19.13 6.80
C SER B 64 -12.99 -18.35 7.57
N GLY B 65 -12.89 -17.06 7.27
CA GLY B 65 -11.91 -16.20 7.90
C GLY B 65 -12.53 -14.93 8.41
N SER B 66 -11.81 -14.28 9.33
CA SER B 66 -12.24 -13.03 9.92
C SER B 66 -11.04 -12.35 10.54
N VAL B 67 -11.08 -11.01 10.56
CA VAL B 67 -10.02 -10.20 11.15
C VAL B 67 -10.65 -9.23 12.14
N SER B 68 -9.99 -9.02 13.28
CA SER B 68 -10.48 -8.11 14.31
C SER B 68 -9.31 -7.63 15.13
N GLY B 69 -9.16 -6.31 15.24
CA GLY B 69 -8.11 -5.71 16.04
C GLY B 69 -6.71 -6.12 15.63
N THR B 70 -6.11 -7.04 16.40
CA THR B 70 -4.75 -7.49 16.15
C THR B 70 -4.67 -8.99 15.86
N ASP B 71 -5.81 -9.65 15.63
CA ASP B 71 -5.84 -11.08 15.40
C ASP B 71 -6.55 -11.37 14.09
N PHE B 72 -5.95 -12.25 13.28
CA PHE B 72 -6.51 -12.67 12.00
C PHE B 72 -6.67 -14.19 12.05
N VAL B 73 -7.91 -14.65 12.00
CA VAL B 73 -8.25 -16.02 12.35
C VAL B 73 -8.75 -16.77 11.11
N LEU B 74 -8.29 -18.01 10.95
CA LEU B 74 -8.83 -18.96 9.98
C LEU B 74 -9.58 -20.03 10.75
N THR B 75 -10.79 -20.36 10.27
CA THR B 75 -11.66 -21.31 10.96
C THR B 75 -12.06 -22.41 9.99
N ILE B 76 -11.78 -23.65 10.38
CA ILE B 76 -12.29 -24.84 9.69
C ILE B 76 -13.35 -25.46 10.59
N SER B 77 -14.60 -25.48 10.13
CA SER B 77 -15.71 -25.92 10.97
C SER B 77 -15.56 -27.38 11.36
N ARG B 78 -15.50 -28.27 10.37
CA ARG B 78 -15.28 -29.69 10.62
C ARG B 78 -14.10 -30.16 9.78
N LEU B 79 -13.13 -30.80 10.43
CA LEU B 79 -11.90 -31.18 9.77
C LEU B 79 -12.13 -32.41 8.88
N GLU B 80 -11.85 -32.25 7.60
CA GLU B 80 -11.81 -33.26 6.56
C GLU B 80 -10.43 -33.89 6.50
N PRO B 81 -10.32 -35.19 6.17
CA PRO B 81 -9.00 -35.82 6.06
C PRO B 81 -8.08 -35.13 5.07
N GLU B 82 -8.59 -34.31 4.16
CA GLU B 82 -7.77 -33.60 3.18
C GLU B 82 -7.36 -32.21 3.67
N ASP B 83 -7.60 -31.88 4.94
CA ASP B 83 -7.34 -30.54 5.45
C ASP B 83 -6.06 -30.46 6.28
N PHE B 84 -5.47 -31.60 6.66
CA PHE B 84 -4.26 -31.59 7.49
C PHE B 84 -3.06 -31.23 6.62
N ALA B 85 -2.57 -30.01 6.77
CA ALA B 85 -1.44 -29.51 5.98
C ALA B 85 -0.79 -28.37 6.76
N ILE B 86 -0.07 -27.51 6.04
CA ILE B 86 0.56 -26.33 6.61
C ILE B 86 -0.21 -25.10 6.12
N TYR B 87 -0.47 -24.17 7.02
CA TYR B 87 -1.27 -22.98 6.73
C TYR B 87 -0.44 -21.73 6.98
N TYR B 88 -0.42 -20.84 6.00
CA TYR B 88 0.27 -19.56 6.09
C TYR B 88 -0.72 -18.42 5.91
N CYS B 89 -0.61 -17.39 6.75
CA CYS B 89 -1.33 -16.15 6.49
C CYS B 89 -0.41 -15.20 5.71
N GLN B 90 -1.01 -14.12 5.20
CA GLN B 90 -0.25 -13.20 4.39
C GLN B 90 -0.94 -11.84 4.38
N GLN B 91 -0.13 -10.78 4.39
CA GLN B 91 -0.59 -9.42 4.13
C GLN B 91 -0.09 -9.01 2.75
N TYR B 92 -0.91 -8.26 2.02
CA TYR B 92 -0.51 -7.82 0.69
C TYR B 92 -0.94 -6.38 0.39
N GLY B 93 -1.16 -5.57 1.42
CA GLY B 93 -1.50 -4.18 1.18
C GLY B 93 -0.39 -3.40 0.51
N ARG B 94 0.85 -3.62 0.94
CA ARG B 94 1.99 -2.91 0.38
C ARG B 94 3.26 -3.69 0.70
N SER B 95 4.38 -3.21 0.17
CA SER B 95 5.65 -3.87 0.38
C SER B 95 6.11 -3.71 1.83
N PRO B 96 6.61 -4.77 2.44
CA PRO B 96 6.73 -6.13 1.92
C PRO B 96 5.45 -6.94 2.16
N ARG B 97 5.02 -7.73 1.18
CA ARG B 97 3.78 -8.50 1.29
C ARG B 97 4.11 -9.89 1.82
N SER B 98 4.53 -9.91 3.09
CA SER B 98 5.16 -11.07 3.70
C SER B 98 4.15 -12.04 4.29
N PHE B 99 4.57 -13.29 4.41
CA PHE B 99 3.78 -14.37 4.99
C PHE B 99 4.06 -14.51 6.48
N GLY B 100 3.25 -15.36 7.13
CA GLY B 100 3.56 -15.82 8.47
C GLY B 100 4.53 -16.99 8.43
N GLN B 101 4.95 -17.41 9.62
CA GLN B 101 5.92 -18.49 9.70
C GLN B 101 5.30 -19.87 9.49
N GLY B 102 3.99 -19.98 9.57
CA GLY B 102 3.34 -21.24 9.26
C GLY B 102 2.82 -21.94 10.49
N THR B 103 1.72 -22.66 10.31
CA THR B 103 1.10 -23.46 11.36
C THR B 103 0.93 -24.88 10.86
N ARG B 104 1.45 -25.84 11.61
CA ARG B 104 1.35 -27.25 11.26
C ARG B 104 0.10 -27.83 11.90
N LEU B 105 -0.84 -28.29 11.06
CA LEU B 105 -2.08 -28.89 11.52
C LEU B 105 -1.96 -30.41 11.33
N GLU B 106 -1.65 -31.11 12.43
CA GLU B 106 -1.42 -32.54 12.41
C GLU B 106 -2.67 -33.29 12.88
N ILE B 107 -2.60 -34.61 12.83
CA ILE B 107 -3.69 -35.46 13.28
C ILE B 107 -3.45 -35.84 14.73
N LYS B 108 -4.51 -35.85 15.54
CA LYS B 108 -4.42 -36.18 16.96
C LYS B 108 -4.74 -37.66 17.15
N ARG B 109 -3.93 -38.34 17.95
CA ARG B 109 -4.15 -39.75 18.25
C ARG B 109 -3.70 -40.02 19.68
N THR B 110 -3.73 -41.29 20.08
CA THR B 110 -3.29 -41.67 21.41
C THR B 110 -1.77 -41.68 21.49
N VAL B 111 -1.26 -41.43 22.69
CA VAL B 111 0.19 -41.36 22.89
C VAL B 111 0.82 -42.72 22.64
N ALA B 112 1.81 -42.76 21.77
CA ALA B 112 2.54 -43.98 21.45
C ALA B 112 3.98 -43.86 21.94
N ALA B 113 4.64 -45.02 22.08
CA ALA B 113 6.00 -45.05 22.58
C ALA B 113 6.99 -45.33 21.46
N PRO B 114 8.12 -44.61 21.42
CA PRO B 114 9.13 -44.86 20.37
C PRO B 114 9.96 -46.09 20.70
N SER B 115 9.88 -47.10 19.83
CA SER B 115 10.71 -48.29 19.96
C SER B 115 12.12 -47.92 19.52
N VAL B 116 12.99 -47.63 20.47
CA VAL B 116 14.29 -47.07 20.19
C VAL B 116 15.26 -48.20 19.81
N PHE B 117 16.00 -47.99 18.73
CA PHE B 117 17.08 -48.86 18.31
C PHE B 117 18.37 -48.05 18.19
N ILE B 118 19.49 -48.77 18.04
CA ILE B 118 20.79 -48.14 17.91
C ILE B 118 21.65 -48.98 16.99
N PHE B 119 22.54 -48.34 16.24
CA PHE B 119 23.39 -49.00 15.27
C PHE B 119 24.82 -48.51 15.44
N PRO B 120 25.79 -49.41 15.58
CA PRO B 120 27.20 -48.99 15.62
C PRO B 120 27.70 -48.69 14.22
N PRO B 121 28.75 -47.87 14.10
CA PRO B 121 29.29 -47.57 12.77
C PRO B 121 29.90 -48.80 12.12
N SER B 122 29.61 -48.97 10.84
CA SER B 122 30.10 -50.13 10.10
C SER B 122 31.60 -49.98 9.82
N ASP B 123 32.29 -51.13 9.80
CA ASP B 123 33.74 -51.13 9.60
C ASP B 123 34.13 -50.60 8.22
N GLU B 124 33.20 -50.62 7.26
CA GLU B 124 33.51 -50.09 5.93
C GLU B 124 33.78 -48.59 5.99
N GLN B 125 33.04 -47.87 6.83
CA GLN B 125 33.26 -46.43 6.97
C GLN B 125 34.48 -46.12 7.81
N LEU B 126 34.85 -47.01 8.73
CA LEU B 126 36.04 -46.79 9.55
C LEU B 126 37.30 -46.76 8.71
N LYS B 127 37.35 -47.54 7.62
CA LYS B 127 38.51 -47.54 6.75
C LYS B 127 38.65 -46.24 5.98
N SER B 128 37.58 -45.47 5.84
CA SER B 128 37.64 -44.18 5.15
C SER B 128 38.35 -43.13 6.00
N GLY B 129 37.97 -43.01 7.26
CA GLY B 129 38.58 -42.04 8.14
C GLY B 129 37.57 -41.32 9.02
N THR B 130 36.36 -41.87 9.13
CA THR B 130 35.32 -41.27 9.95
C THR B 130 34.40 -42.38 10.46
N ALA B 131 33.58 -42.03 11.44
CA ALA B 131 32.61 -42.94 12.02
C ALA B 131 31.36 -42.16 12.40
N SER B 132 30.20 -42.78 12.19
CA SER B 132 28.92 -42.14 12.49
C SER B 132 28.00 -43.16 13.16
N VAL B 133 27.50 -42.80 14.34
CA VAL B 133 26.59 -43.65 15.10
C VAL B 133 25.17 -43.14 14.90
N VAL B 134 24.22 -44.07 14.82
CA VAL B 134 22.82 -43.76 14.53
C VAL B 134 21.95 -44.23 15.69
N CYS B 135 20.98 -43.39 16.06
CA CYS B 135 20.00 -43.71 17.09
C CYS B 135 18.62 -43.57 16.48
N LEU B 136 17.85 -44.66 16.49
CA LEU B 136 16.58 -44.73 15.78
C LEU B 136 15.40 -44.65 16.75
N LEU B 137 14.38 -43.89 16.37
CA LEU B 137 13.08 -43.88 17.04
C LEU B 137 12.01 -44.22 16.01
N ASN B 138 11.20 -45.22 16.30
CA ASN B 138 10.28 -45.79 15.31
C ASN B 138 8.85 -45.69 15.81
N ASN B 139 7.97 -45.10 14.98
CA ASN B 139 6.53 -45.07 15.20
C ASN B 139 6.15 -44.58 16.60
N PHE B 140 6.02 -43.26 16.75
CA PHE B 140 5.71 -42.67 18.05
C PHE B 140 4.86 -41.42 17.83
N TYR B 141 4.24 -40.97 18.92
CA TYR B 141 3.40 -39.78 18.92
C TYR B 141 3.44 -39.18 20.31
N PRO B 142 3.53 -37.85 20.44
CA PRO B 142 3.54 -36.83 19.37
C PRO B 142 4.92 -36.66 18.73
N ARG B 143 5.03 -35.67 17.84
CA ARG B 143 6.29 -35.41 17.14
C ARG B 143 7.40 -34.96 18.09
N GLU B 144 7.04 -34.44 19.26
CA GLU B 144 8.04 -33.92 20.19
C GLU B 144 8.90 -35.05 20.74
N ALA B 145 10.21 -34.81 20.77
CA ALA B 145 11.18 -35.77 21.30
C ALA B 145 12.49 -35.03 21.51
N LYS B 146 13.40 -35.68 22.25
CA LYS B 146 14.71 -35.10 22.51
C LYS B 146 15.69 -36.21 22.82
N VAL B 147 16.77 -36.29 22.04
CA VAL B 147 17.82 -37.28 22.25
C VAL B 147 19.13 -36.55 22.53
N GLN B 148 19.98 -37.20 23.32
CA GLN B 148 21.27 -36.64 23.70
C GLN B 148 22.36 -37.68 23.50
N TRP B 149 23.53 -37.22 23.10
CA TRP B 149 24.72 -38.06 22.96
C TRP B 149 25.68 -37.75 24.10
N LYS B 150 26.14 -38.80 24.77
CA LYS B 150 27.07 -38.65 25.90
C LYS B 150 28.19 -39.66 25.71
N VAL B 151 29.29 -39.22 25.10
CA VAL B 151 30.47 -40.07 24.91
C VAL B 151 31.19 -40.21 26.25
N ASP B 152 31.25 -41.44 26.76
CA ASP B 152 31.78 -41.70 28.10
C ASP B 152 31.03 -40.89 29.15
N ASN B 153 29.71 -40.81 28.99
CA ASN B 153 28.82 -40.05 29.87
C ASN B 153 29.19 -38.56 29.94
N ALA B 154 29.90 -38.06 28.92
CA ALA B 154 30.22 -36.64 28.82
C ALA B 154 29.32 -36.03 27.76
N LEU B 155 28.60 -34.98 28.13
CA LEU B 155 27.58 -34.39 27.26
C LEU B 155 28.20 -33.90 25.96
N GLN B 156 27.70 -34.43 24.84
CA GLN B 156 28.16 -34.05 23.52
C GLN B 156 27.16 -33.09 22.88
N SER B 157 27.68 -32.06 22.22
CA SER B 157 26.85 -31.09 21.54
C SER B 157 27.63 -30.48 20.39
N GLY B 158 26.90 -30.07 19.35
CA GLY B 158 27.52 -29.50 18.18
C GLY B 158 28.12 -30.50 17.22
N ASN B 159 27.68 -31.77 17.27
CA ASN B 159 28.21 -32.79 16.39
C ASN B 159 27.17 -33.85 16.04
N SER B 160 25.89 -33.50 16.07
CA SER B 160 24.82 -34.44 15.77
C SER B 160 23.78 -33.76 14.88
N GLN B 161 23.04 -34.58 14.15
CA GLN B 161 21.98 -34.11 13.27
C GLN B 161 20.82 -35.09 13.32
N GLU B 162 19.60 -34.55 13.31
CA GLU B 162 18.40 -35.35 13.45
C GLU B 162 17.48 -35.16 12.25
N SER B 163 16.65 -36.16 11.99
CA SER B 163 15.73 -36.15 10.85
C SER B 163 14.43 -36.83 11.25
N VAL B 164 13.32 -36.23 10.85
CA VAL B 164 11.98 -36.71 11.19
C VAL B 164 11.20 -36.94 9.92
N THR B 165 10.40 -38.01 9.89
CA THR B 165 9.55 -38.32 8.76
C THR B 165 8.24 -37.54 8.86
N GLU B 166 7.38 -37.73 7.87
CA GLU B 166 6.03 -37.18 7.90
C GLU B 166 5.12 -38.07 8.73
N GLN B 167 3.94 -37.55 9.05
CA GLN B 167 2.95 -38.34 9.78
C GLN B 167 2.44 -39.46 8.89
N ASP B 168 2.49 -40.69 9.40
CA ASP B 168 2.13 -41.86 8.60
C ASP B 168 0.69 -41.78 8.15
N SER B 169 0.43 -42.22 6.92
CA SER B 169 -0.92 -42.21 6.36
C SER B 169 -1.84 -43.24 6.99
N LYS B 170 -1.33 -44.07 7.91
CA LYS B 170 -2.15 -45.07 8.57
C LYS B 170 -1.93 -45.01 10.08
N ASP B 171 -0.69 -45.21 10.51
CA ASP B 171 -0.36 -45.18 11.93
C ASP B 171 -0.47 -43.78 12.52
N SER B 172 -0.41 -42.74 11.68
CA SER B 172 -0.46 -41.34 12.12
C SER B 172 0.64 -41.03 13.13
N THR B 173 1.78 -41.69 13.01
CA THR B 173 2.91 -41.52 13.90
C THR B 173 4.09 -40.96 13.11
N TYR B 174 5.19 -40.72 13.81
CA TYR B 174 6.41 -40.17 13.24
C TYR B 174 7.57 -41.13 13.47
N SER B 175 8.72 -40.78 12.92
CA SER B 175 9.94 -41.57 13.08
C SER B 175 11.13 -40.63 13.07
N LEU B 176 12.04 -40.79 14.03
CA LEU B 176 13.18 -39.91 14.18
C LEU B 176 14.48 -40.71 14.11
N SER B 177 15.54 -40.04 13.66
CA SER B 177 16.86 -40.65 13.57
C SER B 177 17.91 -39.59 13.83
N SER B 178 18.76 -39.81 14.83
CA SER B 178 19.86 -38.91 15.15
C SER B 178 21.18 -39.58 14.79
N THR B 179 22.05 -38.82 14.12
CA THR B 179 23.33 -39.35 13.62
C THR B 179 24.47 -38.56 14.26
N LEU B 180 25.16 -39.19 15.20
CA LEU B 180 26.36 -38.62 15.79
C LEU B 180 27.56 -38.92 14.90
N THR B 181 28.32 -37.89 14.56
CA THR B 181 29.46 -38.03 13.66
C THR B 181 30.69 -37.40 14.30
N LEU B 182 31.76 -38.19 14.40
CA LEU B 182 33.02 -37.71 14.94
C LEU B 182 34.16 -38.40 14.20
N SER B 183 35.38 -37.90 14.40
CA SER B 183 36.54 -38.40 13.71
C SER B 183 36.83 -39.85 14.08
N LYS B 184 37.50 -40.55 13.17
CA LYS B 184 37.93 -41.92 13.46
C LYS B 184 38.89 -41.97 14.63
N ALA B 185 39.75 -40.96 14.75
CA ALA B 185 40.67 -40.89 15.89
C ALA B 185 39.91 -40.71 17.20
N ASP B 186 38.89 -39.85 17.19
CA ASP B 186 38.09 -39.63 18.40
C ASP B 186 37.15 -40.78 18.69
N TYR B 187 37.05 -41.77 17.81
CA TYR B 187 36.16 -42.90 18.05
C TYR B 187 36.79 -43.92 18.98
N GLU B 188 38.00 -44.38 18.66
CA GLU B 188 38.70 -45.31 19.54
C GLU B 188 39.21 -44.65 20.81
N LYS B 189 39.18 -43.32 20.89
CA LYS B 189 39.58 -42.64 22.12
C LYS B 189 38.66 -42.98 23.28
N HIS B 190 37.44 -43.44 23.00
CA HIS B 190 36.46 -43.78 24.02
C HIS B 190 35.90 -45.17 23.73
N LYS B 191 35.01 -45.63 24.59
CA LYS B 191 34.51 -46.99 24.48
C LYS B 191 33.01 -47.14 24.69
N VAL B 192 32.38 -46.29 25.49
CA VAL B 192 30.96 -46.38 25.80
C VAL B 192 30.23 -45.27 25.10
N TYR B 193 29.32 -45.63 24.18
CA TYR B 193 28.47 -44.70 23.47
C TYR B 193 27.01 -45.06 23.72
N ALA B 194 26.17 -44.03 23.83
CA ALA B 194 24.76 -44.23 24.15
C ALA B 194 23.97 -43.00 23.74
N CYS B 195 22.67 -43.21 23.51
CA CYS B 195 21.74 -42.13 23.21
C CYS B 195 20.55 -42.24 24.14
N GLU B 196 20.29 -41.20 24.91
CA GLU B 196 19.16 -41.17 25.84
C GLU B 196 17.95 -40.54 25.15
N VAL B 197 16.80 -41.22 25.26
CA VAL B 197 15.57 -40.80 24.59
C VAL B 197 14.58 -40.36 25.67
N THR B 198 14.05 -39.14 25.53
CA THR B 198 13.07 -38.59 26.45
C THR B 198 11.78 -38.33 25.67
N HIS B 199 10.68 -38.92 26.14
CA HIS B 199 9.40 -38.80 25.45
C HIS B 199 8.28 -38.94 26.48
N GLN B 200 7.08 -38.48 26.09
CA GLN B 200 5.94 -38.55 26.98
C GLN B 200 5.53 -39.99 27.25
N GLY B 201 5.56 -40.84 26.22
CA GLY B 201 5.23 -42.25 26.39
C GLY B 201 6.25 -43.05 27.17
N LEU B 202 7.28 -42.42 27.70
CA LEU B 202 8.32 -43.09 28.47
C LEU B 202 8.24 -42.65 29.93
N SER B 203 8.19 -43.62 30.84
CA SER B 203 8.17 -43.30 32.26
C SER B 203 9.49 -42.71 32.72
N SER B 204 10.59 -43.06 32.04
CA SER B 204 11.93 -42.61 32.37
C SER B 204 12.76 -42.67 31.11
N PRO B 205 13.78 -41.80 30.98
CA PRO B 205 14.62 -41.81 29.77
C PRO B 205 15.27 -43.16 29.50
N VAL B 206 14.73 -43.88 28.50
CA VAL B 206 15.34 -45.14 28.10
C VAL B 206 16.64 -44.88 27.36
N THR B 207 17.52 -45.88 27.35
CA THR B 207 18.84 -45.74 26.73
C THR B 207 19.28 -47.10 26.21
N LYS B 208 19.07 -47.33 24.91
CA LYS B 208 19.64 -48.49 24.24
C LYS B 208 21.06 -48.15 23.81
N SER B 209 22.04 -48.89 24.33
CA SER B 209 23.43 -48.54 24.18
C SER B 209 24.23 -49.71 23.62
N PHE B 210 25.50 -49.45 23.33
CA PHE B 210 26.44 -50.47 22.90
C PHE B 210 27.81 -50.12 23.47
N ASN B 211 28.71 -51.12 23.47
CA ASN B 211 30.05 -50.97 24.02
C ASN B 211 31.03 -51.73 23.15
N ARG B 212 31.32 -51.20 21.96
CA ARG B 212 32.25 -51.82 21.03
C ARG B 212 33.47 -50.95 20.77
N GLY B 213 33.67 -49.88 21.54
CA GLY B 213 34.84 -49.03 21.39
C GLY B 213 34.92 -48.31 20.07
N GLU C 1 -16.43 2.96 4.65
CA GLU C 1 -16.65 4.34 4.26
C GLU C 1 -16.05 5.31 5.26
N VAL C 2 -14.92 5.91 4.89
CA VAL C 2 -14.21 6.83 5.77
C VAL C 2 -14.93 8.18 5.75
N GLN C 3 -15.30 8.66 6.94
CA GLN C 3 -16.03 9.92 7.08
C GLN C 3 -15.25 10.85 8.01
N LEU C 4 -15.00 12.07 7.55
CA LEU C 4 -14.35 13.11 8.34
C LEU C 4 -15.20 14.36 8.21
N VAL C 5 -15.81 14.79 9.32
CA VAL C 5 -16.71 15.94 9.33
C VAL C 5 -16.16 16.96 10.33
N GLU C 6 -15.73 18.11 9.84
CA GLU C 6 -15.25 19.17 10.71
C GLU C 6 -16.41 20.02 11.21
N SER C 7 -16.18 20.70 12.33
CA SER C 7 -17.17 21.59 12.90
C SER C 7 -16.47 22.53 13.88
N GLY C 8 -17.24 23.44 14.47
CA GLY C 8 -16.72 24.40 15.41
C GLY C 8 -16.14 25.66 14.81
N GLY C 9 -16.23 25.82 13.50
CA GLY C 9 -15.70 27.01 12.85
C GLY C 9 -16.74 28.11 12.68
N GLY C 10 -16.25 29.35 12.61
CA GLY C 10 -17.13 30.49 12.45
C GLY C 10 -16.40 31.81 12.47
N LEU C 11 -17.07 32.86 12.93
CA LEU C 11 -16.48 34.20 13.00
C LEU C 11 -16.05 34.49 14.44
N VAL C 12 -14.79 34.91 14.61
CA VAL C 12 -14.22 35.21 15.91
C VAL C 12 -13.39 36.47 15.80
N GLN C 13 -13.35 37.24 16.89
CA GLN C 13 -12.59 38.48 16.92
C GLN C 13 -11.11 38.19 17.18
N PRO C 14 -10.23 39.11 16.77
CA PRO C 14 -8.79 38.93 17.03
C PRO C 14 -8.53 38.78 18.53
N GLY C 15 -7.77 37.74 18.88
CA GLY C 15 -7.53 37.40 20.26
C GLY C 15 -8.49 36.39 20.84
N GLY C 16 -9.63 36.17 20.19
CA GLY C 16 -10.59 35.19 20.67
C GLY C 16 -10.10 33.77 20.50
N SER C 17 -10.91 32.84 20.99
CA SER C 17 -10.59 31.42 20.94
C SER C 17 -11.66 30.66 20.18
N LEU C 18 -11.27 29.52 19.60
CA LEU C 18 -12.19 28.69 18.84
C LEU C 18 -11.70 27.25 18.92
N ARG C 19 -12.65 26.32 18.98
CA ARG C 19 -12.36 24.89 19.12
C ARG C 19 -12.93 24.15 17.92
N LEU C 20 -12.05 23.54 17.14
CA LEU C 20 -12.47 22.75 15.99
C LEU C 20 -12.56 21.28 16.36
N THR C 21 -13.56 20.60 15.82
CA THR C 21 -13.81 19.20 16.10
C THR C 21 -13.96 18.44 14.79
N CYS C 22 -13.35 17.24 14.73
CA CYS C 22 -13.44 16.38 13.55
C CYS C 22 -14.00 15.03 13.99
N ALA C 23 -15.30 14.84 13.77
CA ALA C 23 -15.94 13.56 14.03
C ALA C 23 -15.61 12.58 12.92
N THR C 24 -15.32 11.33 13.30
CA THR C 24 -14.84 10.32 12.36
C THR C 24 -15.69 9.07 12.48
N SER C 25 -15.75 8.31 11.38
CA SER C 25 -16.44 7.03 11.36
C SER C 25 -15.91 6.23 10.16
N GLY C 26 -16.19 4.92 10.19
CA GLY C 26 -15.76 4.04 9.12
C GLY C 26 -14.40 3.41 9.32
N PHE C 27 -13.71 3.73 10.40
CA PHE C 27 -12.41 3.15 10.70
C PHE C 27 -12.15 3.25 12.18
N THR C 28 -11.15 2.51 12.66
CA THR C 28 -10.74 2.56 14.06
C THR C 28 -9.95 3.85 14.27
N PHE C 29 -10.58 4.83 14.92
CA PHE C 29 -9.96 6.14 15.08
C PHE C 29 -8.65 6.07 15.86
N GLY C 30 -8.60 5.20 16.87
CA GLY C 30 -7.41 5.11 17.71
C GLY C 30 -6.22 4.45 17.04
N SER C 31 -6.37 3.97 15.81
CA SER C 31 -5.29 3.29 15.11
C SER C 31 -4.48 4.20 14.21
N TYR C 32 -4.96 5.41 13.93
CA TYR C 32 -4.33 6.29 12.95
C TYR C 32 -3.84 7.57 13.59
N TRP C 33 -2.76 8.11 13.03
CA TRP C 33 -2.43 9.51 13.24
C TRP C 33 -3.54 10.38 12.62
N MET C 34 -3.57 11.64 13.01
CA MET C 34 -4.51 12.59 12.45
C MET C 34 -3.80 13.91 12.20
N THR C 35 -4.29 14.67 11.22
CA THR C 35 -3.59 15.87 10.75
C THR C 35 -4.60 16.98 10.49
N TRP C 36 -4.20 18.21 10.81
CA TRP C 36 -4.95 19.41 10.45
C TRP C 36 -4.19 20.16 9.35
N VAL C 37 -4.90 20.55 8.31
CA VAL C 37 -4.33 21.31 7.20
C VAL C 37 -5.27 22.45 6.88
N ARG C 38 -4.72 23.64 6.65
CA ARG C 38 -5.52 24.82 6.34
C ARG C 38 -5.04 25.45 5.04
N GLN C 39 -5.93 26.23 4.43
CA GLN C 39 -5.62 26.97 3.21
C GLN C 39 -6.31 28.32 3.28
N ALA C 40 -5.54 29.40 3.18
CA ALA C 40 -6.10 30.74 3.22
C ALA C 40 -6.58 31.14 1.82
N ARG C 41 -7.29 32.27 1.77
CA ARG C 41 -7.78 32.79 0.51
C ARG C 41 -6.62 33.14 -0.41
N GLU C 42 -6.62 32.54 -1.60
CA GLU C 42 -5.61 32.77 -2.63
C GLU C 42 -4.20 32.43 -2.16
N LYS C 43 -4.09 31.58 -1.14
CA LYS C 43 -2.81 31.07 -0.66
C LYS C 43 -2.74 29.57 -0.89
N GLY C 44 -1.56 29.00 -0.66
CA GLY C 44 -1.36 27.58 -0.84
C GLY C 44 -1.76 26.78 0.38
N LEU C 45 -1.60 25.47 0.27
CA LEU C 45 -1.88 24.59 1.39
C LEU C 45 -0.83 24.74 2.47
N GLU C 46 -1.27 24.68 3.72
CA GLU C 46 -0.36 24.81 4.86
C GLU C 46 -0.66 23.70 5.87
N TRP C 47 0.34 22.85 6.10
CA TRP C 47 0.28 21.90 7.21
C TRP C 47 0.31 22.65 8.54
N VAL C 48 -0.65 22.32 9.42
CA VAL C 48 -0.81 22.99 10.71
C VAL C 48 -0.28 22.13 11.85
N ALA C 49 -0.81 20.90 12.00
CA ALA C 49 -0.40 20.04 13.09
C ALA C 49 -0.78 18.58 12.80
N ASN C 50 -0.17 17.68 13.56
CA ASN C 50 -0.60 16.29 13.55
C ASN C 50 -0.37 15.70 14.93
N ILE C 51 -0.94 14.51 15.16
CA ILE C 51 -0.88 13.89 16.47
C ILE C 51 -0.77 12.39 16.30
N ARG C 52 0.00 11.76 17.19
CA ARG C 52 0.14 10.31 17.19
C ARG C 52 -1.20 9.66 17.53
N HIS C 53 -1.31 8.38 17.16
CA HIS C 53 -2.58 7.66 17.36
C HIS C 53 -2.95 7.55 18.83
N ASP C 54 -1.96 7.51 19.72
CA ASP C 54 -2.21 7.44 21.15
C ASP C 54 -2.15 8.79 21.84
N GLY C 55 -1.90 9.87 21.09
CA GLY C 55 -1.80 11.19 21.67
C GLY C 55 -0.52 11.47 22.42
N SER C 56 0.51 10.64 22.24
CA SER C 56 1.76 10.82 22.97
C SER C 56 2.73 11.78 22.27
N GLU C 57 2.47 12.13 21.01
CA GLU C 57 3.33 13.05 20.28
C GLU C 57 2.47 14.02 19.47
N THR C 58 2.78 15.31 19.58
CA THR C 58 2.12 16.34 18.79
C THR C 58 3.17 17.24 18.18
N TYR C 59 2.93 17.66 16.94
CA TYR C 59 3.83 18.57 16.24
C TYR C 59 3.01 19.70 15.62
N TYR C 60 3.63 20.87 15.50
CA TYR C 60 2.94 22.05 15.04
C TYR C 60 3.80 22.82 14.06
N VAL C 61 3.14 23.58 13.19
CA VAL C 61 3.84 24.59 12.39
C VAL C 61 4.22 25.75 13.32
N ASP C 62 5.33 26.40 13.00
CA ASP C 62 5.89 27.42 13.91
C ASP C 62 4.91 28.56 14.18
N SER C 63 4.06 28.88 13.21
CA SER C 63 3.18 30.04 13.35
C SER C 63 2.14 29.86 14.45
N VAL C 64 1.85 28.61 14.83
CA VAL C 64 0.78 28.32 15.79
C VAL C 64 1.29 27.78 17.10
N LYS C 65 2.60 27.65 17.26
CA LYS C 65 3.16 27.11 18.50
C LYS C 65 2.85 28.04 19.67
N GLY C 66 2.33 27.46 20.75
CA GLY C 66 1.91 28.21 21.92
C GLY C 66 0.49 28.71 21.88
N ARG C 67 -0.13 28.75 20.70
CA ARG C 67 -1.50 29.22 20.55
C ARG C 67 -2.48 28.13 20.17
N PHE C 68 -2.08 27.16 19.36
CA PHE C 68 -2.94 26.07 18.94
C PHE C 68 -2.57 24.79 19.68
N THR C 69 -3.57 23.95 19.93
CA THR C 69 -3.37 22.69 20.64
C THR C 69 -4.20 21.61 19.96
N ILE C 70 -3.51 20.58 19.46
CA ILE C 70 -4.17 19.42 18.86
C ILE C 70 -4.27 18.33 19.91
N SER C 71 -5.39 17.62 19.91
CA SER C 71 -5.64 16.56 20.88
C SER C 71 -6.70 15.63 20.31
N ARG C 72 -6.92 14.52 21.01
CA ARG C 72 -7.84 13.50 20.50
C ARG C 72 -8.50 12.77 21.66
N ASP C 73 -9.66 12.21 21.37
CA ASP C 73 -10.38 11.33 22.29
C ASP C 73 -10.67 10.04 21.51
N ASN C 74 -9.79 9.04 21.68
CA ASN C 74 -9.91 7.81 20.91
C ASN C 74 -11.19 7.05 21.24
N ALA C 75 -11.82 7.32 22.37
CA ALA C 75 -13.07 6.66 22.71
C ALA C 75 -14.27 7.30 22.05
N ASN C 76 -14.17 8.56 21.63
CA ASN C 76 -15.30 9.29 21.06
C ASN C 76 -15.16 9.54 19.56
N ASN C 77 -14.12 9.00 18.93
CA ASN C 77 -13.88 9.17 17.49
C ASN C 77 -13.80 10.64 17.09
N SER C 78 -13.28 11.49 17.98
CA SER C 78 -13.25 12.93 17.76
C SER C 78 -11.82 13.46 17.85
N LEU C 79 -11.48 14.36 16.94
CA LEU C 79 -10.21 15.07 16.94
C LEU C 79 -10.47 16.54 17.17
N PHE C 80 -9.61 17.17 17.98
CA PHE C 80 -9.81 18.56 18.37
C PHE C 80 -8.59 19.41 18.01
N LEU C 81 -8.84 20.68 17.72
CA LEU C 81 -7.79 21.68 17.51
C LEU C 81 -8.22 22.94 18.26
N GLN C 82 -7.70 23.10 19.48
CA GLN C 82 -8.01 24.28 20.28
C GLN C 82 -7.17 25.45 19.79
N MET C 83 -7.84 26.50 19.31
CA MET C 83 -7.17 27.69 18.78
C MET C 83 -7.39 28.86 19.74
N ASN C 84 -6.31 29.36 20.33
CA ASN C 84 -6.34 30.49 21.25
C ASN C 84 -5.51 31.63 20.69
N ASN C 85 -5.86 32.84 21.10
CA ASN C 85 -5.16 34.06 20.68
C ASN C 85 -5.08 34.14 19.14
N LEU C 86 -6.27 34.07 18.52
CA LEU C 86 -6.36 33.98 17.07
C LEU C 86 -5.99 35.31 16.42
N ARG C 87 -5.00 35.26 15.52
CA ARG C 87 -4.60 36.40 14.73
C ARG C 87 -5.38 36.44 13.42
N ALA C 88 -5.30 37.58 12.73
CA ALA C 88 -6.04 37.73 11.48
C ALA C 88 -5.53 36.76 10.41
N GLU C 89 -4.22 36.51 10.39
CA GLU C 89 -3.64 35.61 9.39
C GLU C 89 -4.03 34.15 9.63
N ASP C 90 -4.71 33.84 10.73
CA ASP C 90 -5.24 32.51 10.95
C ASP C 90 -6.56 32.27 10.22
N THR C 91 -7.07 33.26 9.52
CA THR C 91 -8.30 33.09 8.75
C THR C 91 -8.05 32.20 7.55
N ALA C 92 -8.71 31.04 7.52
CA ALA C 92 -8.52 30.07 6.45
C ALA C 92 -9.60 29.00 6.55
N MET C 93 -9.59 28.11 5.57
CA MET C 93 -10.41 26.90 5.60
C MET C 93 -9.58 25.77 6.19
N TYR C 94 -10.09 25.15 7.25
CA TYR C 94 -9.35 24.15 8.02
C TYR C 94 -9.86 22.75 7.68
N TYR C 95 -8.95 21.88 7.28
CA TYR C 95 -9.27 20.55 6.81
C TYR C 95 -8.77 19.49 7.77
N CYS C 96 -9.56 18.42 7.92
CA CYS C 96 -9.20 17.28 8.73
C CYS C 96 -8.82 16.11 7.83
N ALA C 97 -7.61 15.57 8.02
CA ALA C 97 -7.08 14.52 7.17
C ALA C 97 -6.56 13.38 8.02
N ARG C 98 -6.85 12.15 7.60
CA ARG C 98 -6.43 10.97 8.35
C ARG C 98 -4.95 10.66 8.09
N GLY C 99 -4.28 10.18 9.13
CA GLY C 99 -2.90 9.76 9.00
C GLY C 99 -1.91 10.89 9.17
N SER C 100 -0.65 10.55 8.91
CA SER C 100 0.42 11.52 8.98
C SER C 100 1.38 11.47 7.80
N GLY C 101 1.18 10.57 6.85
CA GLY C 101 2.00 10.54 5.66
C GLY C 101 1.28 11.09 4.45
N GLY C 102 1.18 10.29 3.38
CA GLY C 102 0.39 10.67 2.24
C GLY C 102 -1.08 10.77 2.60
N LEU C 103 -1.60 11.99 2.63
CA LEU C 103 -2.97 12.23 3.07
C LEU C 103 -3.94 11.80 1.98
N VAL C 104 -4.66 10.71 2.22
CA VAL C 104 -5.59 10.15 1.26
C VAL C 104 -7.02 10.61 1.53
N HIS C 105 -7.44 10.55 2.78
CA HIS C 105 -8.81 10.88 3.16
C HIS C 105 -8.84 12.27 3.77
N TRP C 106 -9.62 13.16 3.17
CA TRP C 106 -9.75 14.54 3.62
C TRP C 106 -11.19 14.82 4.02
N GLY C 107 -11.36 15.72 4.99
CA GLY C 107 -12.66 16.25 5.31
C GLY C 107 -13.05 17.37 4.36
N HIS C 108 -14.28 17.86 4.53
CA HIS C 108 -14.76 18.93 3.66
C HIS C 108 -14.34 20.31 4.15
N GLY C 109 -13.97 20.44 5.41
CA GLY C 109 -13.40 21.68 5.91
C GLY C 109 -14.46 22.60 6.52
N THR C 110 -13.99 23.44 7.44
CA THR C 110 -14.82 24.48 8.04
C THR C 110 -14.05 25.79 8.00
N LEU C 111 -14.76 26.88 7.73
CA LEU C 111 -14.14 28.19 7.58
C LEU C 111 -13.98 28.87 8.93
N VAL C 112 -12.76 29.32 9.23
CA VAL C 112 -12.47 30.09 10.44
C VAL C 112 -12.06 31.48 9.98
N THR C 113 -12.81 32.49 10.43
CA THR C 113 -12.55 33.88 10.07
C THR C 113 -12.22 34.67 11.32
N VAL C 114 -11.08 35.37 11.30
CA VAL C 114 -10.64 36.19 12.41
C VAL C 114 -10.66 37.64 11.95
N SER C 115 -11.64 38.41 12.44
CA SER C 115 -11.79 39.80 12.09
C SER C 115 -12.67 40.48 13.10
N SER C 116 -12.51 41.80 13.22
CA SER C 116 -13.35 42.59 14.11
C SER C 116 -14.70 42.95 13.51
N ALA C 117 -14.87 42.75 12.20
CA ALA C 117 -16.13 43.06 11.55
C ALA C 117 -17.24 42.14 12.04
N SER C 118 -18.47 42.61 11.94
CA SER C 118 -19.64 41.88 12.39
C SER C 118 -20.34 41.20 11.21
N THR C 119 -21.14 40.19 11.54
CA THR C 119 -21.85 39.43 10.51
C THR C 119 -22.91 40.30 9.85
N LYS C 120 -22.82 40.44 8.53
CA LYS C 120 -23.76 41.25 7.76
C LYS C 120 -24.30 40.43 6.60
N GLY C 121 -25.61 40.46 6.41
CA GLY C 121 -26.24 39.79 5.30
C GLY C 121 -26.05 40.54 4.00
N PRO C 122 -26.13 39.83 2.88
CA PRO C 122 -25.85 40.47 1.59
C PRO C 122 -27.04 41.24 1.04
N SER C 123 -26.72 42.22 0.21
CA SER C 123 -27.72 42.95 -0.56
C SER C 123 -27.66 42.46 -2.01
N VAL C 124 -28.76 41.87 -2.47
CA VAL C 124 -28.83 41.30 -3.82
C VAL C 124 -29.44 42.35 -4.75
N PHE C 125 -28.70 42.72 -5.79
CA PHE C 125 -29.16 43.69 -6.77
C PHE C 125 -29.21 43.07 -8.16
N PRO C 126 -30.19 43.44 -8.97
CA PRO C 126 -30.33 42.83 -10.30
C PRO C 126 -29.39 43.48 -11.32
N LEU C 127 -29.10 42.72 -12.36
CA LEU C 127 -28.33 43.19 -13.51
C LEU C 127 -29.25 43.11 -14.72
N ALA C 128 -29.79 44.26 -15.12
CA ALA C 128 -30.80 44.30 -16.16
C ALA C 128 -30.17 44.10 -17.53
N PRO C 129 -30.67 43.18 -18.35
CA PRO C 129 -30.13 42.99 -19.69
C PRO C 129 -30.65 44.03 -20.67
N SER C 130 -29.87 44.25 -21.73
CA SER C 130 -30.25 45.18 -22.78
C SER C 130 -29.76 44.70 -24.14
N THR C 138 -25.42 37.47 -28.03
CA THR C 138 -26.74 37.41 -27.42
C THR C 138 -26.88 38.40 -26.28
N ALA C 139 -27.61 38.01 -25.23
CA ALA C 139 -27.86 38.87 -24.09
C ALA C 139 -27.36 38.21 -22.81
N ALA C 140 -26.97 39.05 -21.85
CA ALA C 140 -26.45 38.58 -20.57
C ALA C 140 -27.19 39.25 -19.43
N LEU C 141 -27.28 38.55 -18.31
CA LEU C 141 -27.93 39.06 -17.11
C LEU C 141 -27.36 38.36 -15.90
N GLY C 142 -27.41 39.03 -14.76
CA GLY C 142 -26.81 38.47 -13.57
C GLY C 142 -27.37 39.08 -12.30
N CYS C 143 -26.68 38.81 -11.20
CA CYS C 143 -27.04 39.32 -9.88
C CYS C 143 -25.79 39.82 -9.17
N LEU C 144 -25.93 40.93 -8.46
CA LEU C 144 -24.83 41.56 -7.73
C LEU C 144 -25.04 41.34 -6.24
N VAL C 145 -24.30 40.39 -5.66
CA VAL C 145 -24.36 40.12 -4.23
C VAL C 145 -23.29 40.98 -3.57
N LYS C 146 -23.71 42.02 -2.86
CA LYS C 146 -22.81 43.07 -2.38
C LYS C 146 -22.89 43.21 -0.87
N ASP C 147 -21.73 43.44 -0.24
CA ASP C 147 -21.62 43.79 1.17
C ASP C 147 -22.18 42.70 2.08
N TYR C 148 -21.43 41.62 2.25
CA TYR C 148 -21.77 40.56 3.19
C TYR C 148 -20.52 40.16 3.97
N PHE C 149 -20.74 39.58 5.14
CA PHE C 149 -19.64 39.14 5.99
C PHE C 149 -20.16 38.10 6.97
N PRO C 150 -19.44 36.98 7.16
CA PRO C 150 -18.22 36.59 6.44
C PRO C 150 -18.53 35.73 5.23
N GLU C 151 -17.51 35.07 4.66
CA GLU C 151 -17.75 34.09 3.62
C GLU C 151 -18.49 32.90 4.20
N PRO C 152 -19.15 32.09 3.36
CA PRO C 152 -19.31 32.19 1.91
C PRO C 152 -20.72 32.56 1.45
N VAL C 153 -20.92 32.63 0.14
CA VAL C 153 -22.22 32.86 -0.48
C VAL C 153 -22.38 31.86 -1.62
N THR C 154 -23.58 31.28 -1.72
CA THR C 154 -23.90 30.32 -2.77
C THR C 154 -25.03 30.87 -3.62
N VAL C 155 -24.83 30.89 -4.94
CA VAL C 155 -25.79 31.44 -5.89
C VAL C 155 -26.20 30.34 -6.86
N SER C 156 -27.51 30.22 -7.09
CA SER C 156 -28.04 29.30 -8.09
C SER C 156 -29.16 30.00 -8.84
N TRP C 157 -29.36 29.60 -10.10
CA TRP C 157 -30.33 30.23 -10.98
C TRP C 157 -31.51 29.30 -11.21
N ASN C 158 -32.72 29.84 -11.03
CA ASN C 158 -33.97 29.10 -11.23
C ASN C 158 -34.00 27.84 -10.38
N SER C 159 -33.60 27.98 -9.11
CA SER C 159 -33.58 26.89 -8.14
C SER C 159 -32.73 25.71 -8.62
N GLY C 160 -31.71 26.00 -9.43
CA GLY C 160 -30.83 24.95 -9.93
C GLY C 160 -31.20 24.40 -11.29
N ALA C 161 -32.05 25.10 -12.05
CA ALA C 161 -32.45 24.64 -13.36
C ALA C 161 -31.51 25.09 -14.47
N LEU C 162 -30.92 26.27 -14.34
CA LEU C 162 -29.99 26.81 -15.34
C LEU C 162 -28.57 26.52 -14.86
N THR C 163 -28.02 25.40 -15.30
CA THR C 163 -26.67 24.97 -14.91
C THR C 163 -25.67 25.07 -16.05
N SER C 164 -26.02 25.75 -17.15
CA SER C 164 -25.14 25.90 -18.29
C SER C 164 -24.95 27.38 -18.60
N GLY C 165 -23.70 27.79 -18.79
CA GLY C 165 -23.38 29.16 -19.07
C GLY C 165 -23.28 30.07 -17.85
N VAL C 166 -23.51 29.54 -16.65
CA VAL C 166 -23.46 30.34 -15.44
C VAL C 166 -22.01 30.46 -14.97
N HIS C 167 -21.62 31.67 -14.58
CA HIS C 167 -20.27 31.94 -14.07
C HIS C 167 -20.41 32.81 -12.82
N THR C 168 -20.30 32.18 -11.65
CA THR C 168 -20.30 32.89 -10.38
C THR C 168 -18.87 33.26 -10.04
N PHE C 169 -18.55 34.55 -10.12
CA PHE C 169 -17.19 35.01 -9.90
C PHE C 169 -16.79 34.86 -8.43
N PRO C 170 -15.51 34.64 -8.16
CA PRO C 170 -15.05 34.61 -6.76
C PRO C 170 -15.23 35.96 -6.09
N ALA C 171 -15.32 35.94 -4.77
CA ALA C 171 -15.61 37.15 -4.01
C ALA C 171 -14.39 38.06 -3.99
N VAL C 172 -14.66 39.37 -3.84
CA VAL C 172 -13.63 40.39 -3.75
C VAL C 172 -13.78 41.11 -2.41
N LEU C 173 -12.67 41.29 -1.72
CA LEU C 173 -12.67 42.04 -0.47
C LEU C 173 -12.62 43.53 -0.76
N GLN C 174 -13.60 44.26 -0.25
CA GLN C 174 -13.71 45.68 -0.51
C GLN C 174 -12.97 46.49 0.56
N SER C 175 -12.85 47.79 0.32
CA SER C 175 -12.13 48.66 1.26
C SER C 175 -12.79 48.69 2.63
N SER C 176 -14.11 48.54 2.68
CA SER C 176 -14.83 48.53 3.94
C SER C 176 -14.62 47.25 4.74
N GLY C 177 -13.91 46.28 4.19
CA GLY C 177 -13.74 44.99 4.83
C GLY C 177 -14.82 43.98 4.55
N LEU C 178 -15.80 44.33 3.72
CA LEU C 178 -16.89 43.43 3.36
C LEU C 178 -16.63 42.81 1.99
N TYR C 179 -17.28 41.67 1.77
CA TYR C 179 -17.15 40.93 0.52
C TYR C 179 -18.28 41.25 -0.43
N SER C 180 -18.03 41.08 -1.72
CA SER C 180 -19.03 41.27 -2.76
C SER C 180 -18.65 40.43 -3.96
N LEU C 181 -19.64 39.79 -4.57
CA LEU C 181 -19.42 38.95 -5.74
C LEU C 181 -20.51 39.23 -6.76
N SER C 182 -20.45 38.51 -7.87
CA SER C 182 -21.43 38.64 -8.94
C SER C 182 -21.54 37.32 -9.67
N SER C 183 -22.77 36.95 -10.05
CA SER C 183 -23.04 35.74 -10.81
C SER C 183 -23.85 36.11 -12.04
N VAL C 184 -23.39 35.67 -13.21
CA VAL C 184 -24.02 36.02 -14.47
C VAL C 184 -24.29 34.74 -15.26
N VAL C 185 -25.11 34.89 -16.30
CA VAL C 185 -25.46 33.78 -17.19
C VAL C 185 -25.92 34.36 -18.52
N THR C 186 -25.47 33.77 -19.62
CA THR C 186 -25.82 34.23 -20.95
C THR C 186 -27.06 33.51 -21.46
N VAL C 187 -27.96 34.27 -22.08
CA VAL C 187 -29.20 33.71 -22.61
C VAL C 187 -29.51 34.35 -23.95
N PRO C 188 -30.19 33.63 -24.83
CA PRO C 188 -30.64 34.22 -26.09
C PRO C 188 -31.75 35.23 -25.87
N SER C 189 -31.80 36.23 -26.73
CA SER C 189 -32.80 37.29 -26.62
C SER C 189 -34.22 36.80 -26.88
N SER C 190 -34.38 35.57 -27.39
CA SER C 190 -35.73 35.03 -27.59
C SER C 190 -36.40 34.74 -26.26
N SER C 191 -35.63 34.49 -25.21
CA SER C 191 -36.16 34.24 -23.87
C SER C 191 -36.13 35.48 -22.99
N LEU C 192 -36.28 36.66 -23.59
CA LEU C 192 -36.20 37.90 -22.82
C LEU C 192 -37.40 38.08 -21.91
N GLY C 193 -38.54 37.48 -22.25
CA GLY C 193 -39.73 37.63 -21.45
C GLY C 193 -40.53 36.35 -21.27
N THR C 194 -40.37 35.40 -22.20
CA THR C 194 -41.11 34.16 -22.10
C THR C 194 -40.57 33.24 -21.01
N GLN C 195 -39.31 33.41 -20.63
CA GLN C 195 -38.70 32.61 -19.58
C GLN C 195 -38.28 33.53 -18.44
N THR C 196 -38.69 33.18 -17.22
CA THR C 196 -38.37 33.97 -16.04
C THR C 196 -37.03 33.56 -15.47
N TYR C 197 -36.23 34.55 -15.08
CA TYR C 197 -34.87 34.31 -14.58
C TYR C 197 -34.79 34.87 -13.16
N ILE C 198 -34.62 33.97 -12.19
CA ILE C 198 -34.54 34.34 -10.78
C ILE C 198 -33.27 33.72 -10.20
N CYS C 199 -32.41 34.56 -9.62
CA CYS C 199 -31.20 34.08 -8.97
C CYS C 199 -31.48 33.83 -7.50
N ASN C 200 -30.99 32.69 -7.00
CA ASN C 200 -31.20 32.27 -5.62
C ASN C 200 -29.90 32.44 -4.85
N VAL C 201 -29.87 33.39 -3.92
CA VAL C 201 -28.69 33.70 -3.12
C VAL C 201 -28.95 33.26 -1.70
N ASN C 202 -27.97 32.58 -1.10
CA ASN C 202 -28.07 32.09 0.27
C ASN C 202 -26.79 32.44 1.01
N HIS C 203 -26.94 33.01 2.20
CA HIS C 203 -25.81 33.38 3.06
C HIS C 203 -26.11 32.81 4.45
N LYS C 204 -25.71 31.56 4.66
CA LYS C 204 -26.01 30.88 5.92
C LYS C 204 -25.45 31.58 7.16
N PRO C 205 -24.24 32.21 7.14
CA PRO C 205 -23.77 32.90 8.34
C PRO C 205 -24.75 33.92 8.93
N SER C 206 -25.66 34.43 8.11
CA SER C 206 -26.66 35.39 8.58
C SER C 206 -28.08 34.91 8.31
N ASN C 207 -28.25 33.68 7.82
CA ASN C 207 -29.55 33.10 7.51
C ASN C 207 -30.31 33.94 6.48
N THR C 208 -29.59 34.45 5.48
CA THR C 208 -30.17 35.27 4.44
C THR C 208 -30.43 34.41 3.20
N LYS C 209 -31.68 34.41 2.74
CA LYS C 209 -32.05 33.73 1.50
C LYS C 209 -32.86 34.72 0.66
N VAL C 210 -32.36 35.01 -0.55
CA VAL C 210 -32.97 35.99 -1.43
C VAL C 210 -33.27 35.33 -2.77
N ASP C 211 -34.51 35.49 -3.23
CA ASP C 211 -34.92 35.06 -4.57
C ASP C 211 -35.26 36.32 -5.36
N LYS C 212 -34.33 36.74 -6.21
CA LYS C 212 -34.43 38.00 -6.94
C LYS C 212 -34.69 37.71 -8.41
N LYS C 213 -35.82 38.20 -8.92
CA LYS C 213 -36.15 38.06 -10.33
C LYS C 213 -35.50 39.17 -11.14
N VAL C 214 -34.89 38.81 -12.27
CA VAL C 214 -34.22 39.75 -13.14
C VAL C 214 -35.13 40.05 -14.33
N GLU C 215 -35.53 41.31 -14.46
CA GLU C 215 -36.39 41.76 -15.54
C GLU C 215 -35.69 42.84 -16.36
N PRO C 216 -35.96 42.92 -17.66
CA PRO C 216 -35.37 43.98 -18.47
C PRO C 216 -35.86 45.35 -18.02
N LYS C 217 -35.04 46.37 -18.28
CA LYS C 217 -35.37 47.74 -17.89
C LYS C 217 -36.03 48.48 -19.05
N GLU D 1 12.71 22.76 9.03
CA GLU D 1 14.05 23.16 8.62
C GLU D 1 14.16 23.17 7.09
N ILE D 2 14.07 21.98 6.50
CA ILE D 2 14.16 21.86 5.05
C ILE D 2 12.89 22.41 4.41
N VAL D 3 13.06 23.32 3.45
CA VAL D 3 11.94 23.97 2.78
C VAL D 3 11.87 23.46 1.35
N LEU D 4 10.66 23.51 0.78
CA LEU D 4 10.40 23.05 -0.57
C LEU D 4 9.97 24.22 -1.44
N THR D 5 10.53 24.27 -2.65
CA THR D 5 10.19 25.30 -3.63
C THR D 5 9.82 24.64 -4.94
N GLN D 6 8.63 24.96 -5.45
CA GLN D 6 8.13 24.40 -6.69
C GLN D 6 8.36 25.38 -7.84
N SER D 7 8.89 24.88 -8.94
CA SER D 7 9.17 25.70 -10.11
C SER D 7 8.52 25.05 -11.34
N PRO D 8 7.80 25.81 -12.16
CA PRO D 8 7.49 27.23 -12.03
C PRO D 8 6.26 27.49 -11.18
N GLY D 9 5.88 28.74 -11.00
CA GLY D 9 4.62 29.03 -10.32
C GLY D 9 3.42 28.77 -11.20
N THR D 10 3.50 29.19 -12.45
CA THR D 10 2.46 28.94 -13.45
C THR D 10 3.09 28.25 -14.65
N LEU D 11 2.37 27.29 -15.22
CA LEU D 11 2.85 26.52 -16.35
C LEU D 11 1.72 26.36 -17.36
N SER D 12 1.96 26.76 -18.60
CA SER D 12 0.96 26.69 -19.67
C SER D 12 1.44 25.73 -20.75
N LEU D 13 0.69 24.66 -20.97
CA LEU D 13 1.02 23.67 -21.99
C LEU D 13 -0.26 23.22 -22.68
N SER D 14 -0.09 22.68 -23.88
CA SER D 14 -1.20 22.16 -24.65
C SER D 14 -1.58 20.77 -24.18
N PRO D 15 -2.82 20.34 -24.44
CA PRO D 15 -3.18 18.94 -24.15
C PRO D 15 -2.31 17.98 -24.94
N GLY D 16 -1.92 16.89 -24.28
CA GLY D 16 -1.02 15.93 -24.88
C GLY D 16 0.45 16.21 -24.67
N ALA D 17 0.80 17.34 -24.05
CA ALA D 17 2.19 17.67 -23.81
C ALA D 17 2.73 16.88 -22.62
N ARG D 18 4.04 16.98 -22.42
CA ARG D 18 4.72 16.33 -21.31
C ARG D 18 5.02 17.36 -20.23
N ALA D 19 4.43 17.18 -19.07
CA ALA D 19 4.58 18.11 -17.96
C ALA D 19 5.66 17.62 -17.00
N THR D 20 6.61 18.50 -16.69
CA THR D 20 7.69 18.22 -15.75
C THR D 20 7.61 19.25 -14.63
N LEU D 21 7.00 18.85 -13.52
CA LEU D 21 6.82 19.71 -12.36
C LEU D 21 7.95 19.47 -11.37
N SER D 22 8.66 20.52 -10.98
CA SER D 22 9.82 20.41 -10.10
C SER D 22 9.46 20.85 -8.68
N CYS D 23 10.13 20.22 -7.72
CA CYS D 23 9.97 20.52 -6.29
C CYS D 23 11.34 20.39 -5.66
N ARG D 24 12.05 21.51 -5.53
CA ARG D 24 13.41 21.51 -5.02
C ARG D 24 13.44 21.81 -3.53
N ALA D 25 14.48 21.34 -2.86
CA ALA D 25 14.65 21.51 -1.44
C ALA D 25 15.88 22.38 -1.16
N SER D 26 15.93 22.93 0.06
CA SER D 26 17.08 23.74 0.46
C SER D 26 18.34 22.90 0.60
N ARG D 27 18.19 21.65 1.03
CA ARG D 27 19.29 20.70 1.08
C ARG D 27 18.82 19.39 0.47
N THR D 28 19.80 18.57 0.04
CA THR D 28 19.49 17.34 -0.66
C THR D 28 18.62 16.43 0.18
N PHE D 29 17.64 15.79 -0.46
CA PHE D 29 16.73 14.90 0.25
C PHE D 29 17.49 13.71 0.82
N THR D 30 17.14 13.34 2.05
CA THR D 30 17.74 12.20 2.73
C THR D 30 16.74 11.07 2.95
N ASP D 31 15.57 11.15 2.33
CA ASP D 31 14.54 10.14 2.48
C ASP D 31 13.61 10.21 1.27
N THR D 32 12.75 9.20 1.15
CA THR D 32 11.74 9.15 0.11
C THR D 32 10.34 9.43 0.63
N TYR D 33 10.24 10.12 1.77
CA TYR D 33 8.95 10.48 2.36
C TYR D 33 8.41 11.75 1.70
N LEU D 34 8.23 11.67 0.39
CA LEU D 34 7.74 12.79 -0.41
C LEU D 34 6.45 12.38 -1.11
N ALA D 35 5.61 13.37 -1.42
CA ALA D 35 4.32 13.11 -2.02
C ALA D 35 3.98 14.21 -3.02
N TRP D 36 2.98 13.94 -3.85
CA TRP D 36 2.45 14.90 -4.80
C TRP D 36 0.93 14.92 -4.71
N TYR D 37 0.36 16.11 -4.80
CA TYR D 37 -1.09 16.28 -4.73
C TYR D 37 -1.59 17.03 -5.96
N GLN D 38 -2.87 16.82 -6.26
CA GLN D 38 -3.58 17.55 -7.31
C GLN D 38 -4.82 18.16 -6.71
N HIS D 39 -4.92 19.48 -6.74
CA HIS D 39 -6.03 20.20 -6.12
C HIS D 39 -6.84 20.88 -7.22
N LYS D 40 -7.95 20.26 -7.60
CA LYS D 40 -8.90 20.88 -8.52
C LYS D 40 -9.84 21.80 -7.74
N PRO D 41 -10.21 22.95 -8.32
CA PRO D 41 -11.09 23.88 -7.59
C PRO D 41 -12.45 23.26 -7.33
N GLY D 42 -12.90 23.36 -6.08
CA GLY D 42 -14.16 22.80 -5.65
C GLY D 42 -14.06 21.43 -5.00
N GLN D 43 -12.90 20.78 -5.10
CA GLN D 43 -12.69 19.46 -4.51
C GLN D 43 -11.51 19.51 -3.55
N THR D 44 -11.42 18.47 -2.73
CA THR D 44 -10.30 18.32 -1.81
C THR D 44 -9.07 17.79 -2.55
N PRO D 45 -7.87 18.07 -2.06
CA PRO D 45 -6.66 17.57 -2.72
C PRO D 45 -6.67 16.05 -2.83
N LYS D 46 -6.01 15.55 -3.88
CA LYS D 46 -6.01 14.14 -4.21
C LYS D 46 -4.56 13.66 -4.27
N LEU D 47 -4.23 12.69 -3.41
CA LEU D 47 -2.88 12.15 -3.39
C LEU D 47 -2.58 11.40 -4.68
N LEU D 48 -1.52 11.81 -5.37
CA LEU D 48 -1.10 11.19 -6.61
C LEU D 48 0.08 10.24 -6.43
N ILE D 49 1.17 10.73 -5.83
CA ILE D 49 2.38 9.96 -5.65
C ILE D 49 2.70 9.92 -4.16
N HIS D 50 3.04 8.75 -3.65
CA HIS D 50 3.51 8.59 -2.29
C HIS D 50 4.81 7.77 -2.31
N GLY D 51 5.61 7.92 -1.27
CA GLY D 51 6.91 7.29 -1.25
C GLY D 51 7.83 7.78 -2.35
N ALA D 52 7.64 9.03 -2.79
CA ALA D 52 8.46 9.69 -3.81
C ALA D 52 8.30 9.10 -5.21
N SER D 53 8.01 7.80 -5.31
CA SER D 53 7.96 7.17 -6.63
C SER D 53 6.87 6.11 -6.76
N SER D 54 5.91 6.04 -5.84
CA SER D 54 4.82 5.08 -5.93
C SER D 54 3.52 5.82 -6.22
N ARG D 55 2.75 5.30 -7.18
CA ARG D 55 1.43 5.84 -7.43
C ARG D 55 0.47 5.42 -6.33
N ALA D 56 -0.42 6.35 -5.95
CA ALA D 56 -1.49 6.00 -5.04
C ALA D 56 -2.49 5.08 -5.75
N PRO D 57 -3.23 4.28 -5.00
CA PRO D 57 -4.22 3.40 -5.64
C PRO D 57 -5.27 4.19 -6.41
N GLY D 58 -5.48 3.80 -7.66
CA GLY D 58 -6.44 4.48 -8.51
C GLY D 58 -5.88 5.65 -9.30
N ILE D 59 -4.56 5.78 -9.40
CA ILE D 59 -3.92 6.86 -10.13
C ILE D 59 -3.49 6.33 -11.50
N PRO D 60 -3.83 7.00 -12.59
CA PRO D 60 -3.53 6.45 -13.92
C PRO D 60 -2.03 6.40 -14.20
N ASP D 61 -1.69 5.77 -15.32
CA ASP D 61 -0.30 5.46 -15.62
C ASP D 61 0.51 6.70 -15.99
N ARG D 62 -0.14 7.75 -16.49
CA ARG D 62 0.60 8.92 -16.97
C ARG D 62 1.25 9.71 -15.84
N PHE D 63 0.76 9.58 -14.62
CA PHE D 63 1.37 10.25 -13.48
C PHE D 63 2.51 9.39 -12.92
N SER D 64 3.69 9.98 -12.78
CA SER D 64 4.83 9.28 -12.23
C SER D 64 5.72 10.27 -11.49
N GLY D 65 6.39 9.78 -10.45
CA GLY D 65 7.25 10.63 -9.67
C GLY D 65 8.63 9.99 -9.48
N SER D 66 9.61 10.85 -9.21
CA SER D 66 10.98 10.42 -8.98
C SER D 66 11.70 11.52 -8.21
N VAL D 67 12.80 11.13 -7.56
CA VAL D 67 13.58 12.06 -6.74
C VAL D 67 15.06 11.73 -6.93
N SER D 68 15.88 12.78 -6.97
CA SER D 68 17.32 12.61 -7.17
C SER D 68 18.03 13.86 -6.65
N GLY D 69 18.92 13.68 -5.68
CA GLY D 69 19.65 14.79 -5.10
C GLY D 69 18.76 15.77 -4.37
N THR D 70 18.49 16.90 -5.02
CA THR D 70 17.64 17.94 -4.44
C THR D 70 16.42 18.25 -5.30
N ASP D 71 16.14 17.43 -6.31
CA ASP D 71 15.05 17.66 -7.23
C ASP D 71 14.02 16.55 -7.10
N PHE D 72 12.77 16.92 -6.85
CA PHE D 72 11.65 15.99 -6.70
C PHE D 72 10.65 16.30 -7.79
N VAL D 73 10.56 15.44 -8.80
CA VAL D 73 9.87 15.74 -10.05
C VAL D 73 8.63 14.85 -10.18
N LEU D 74 7.49 15.47 -10.46
CA LEU D 74 6.29 14.78 -10.89
C LEU D 74 6.16 14.92 -12.41
N THR D 75 5.93 13.80 -13.08
CA THR D 75 5.83 13.78 -14.54
C THR D 75 4.45 13.32 -14.95
N ILE D 76 3.79 14.13 -15.78
CA ILE D 76 2.54 13.77 -16.44
C ILE D 76 2.88 13.58 -17.92
N SER D 77 2.94 12.32 -18.36
CA SER D 77 3.48 12.01 -19.68
C SER D 77 2.65 12.65 -20.79
N ARG D 78 1.34 12.42 -20.79
CA ARG D 78 0.44 12.96 -21.81
C ARG D 78 -0.66 13.74 -21.12
N LEU D 79 -0.64 15.06 -21.25
CA LEU D 79 -1.60 15.91 -20.57
C LEU D 79 -2.98 15.76 -21.21
N GLU D 80 -3.93 15.26 -20.44
CA GLU D 80 -5.33 15.27 -20.82
C GLU D 80 -6.01 16.52 -20.30
N PRO D 81 -7.14 16.92 -20.89
CA PRO D 81 -7.80 18.17 -20.44
C PRO D 81 -8.18 18.17 -18.97
N GLU D 82 -8.44 17.01 -18.38
CA GLU D 82 -8.83 16.97 -16.97
C GLU D 82 -7.64 17.11 -16.03
N ASP D 83 -6.42 16.85 -16.51
CA ASP D 83 -5.25 16.86 -15.65
C ASP D 83 -4.73 18.28 -15.43
N PHE D 84 -5.61 19.27 -15.48
CA PHE D 84 -5.21 20.66 -15.28
C PHE D 84 -5.76 21.16 -13.96
N ALA D 85 -4.88 21.44 -13.00
CA ALA D 85 -5.26 21.90 -11.68
C ALA D 85 -4.02 22.43 -10.97
N ILE D 86 -4.12 22.57 -9.65
CA ILE D 86 -2.99 23.01 -8.84
C ILE D 86 -2.29 21.77 -8.28
N TYR D 87 -0.96 21.78 -8.29
CA TYR D 87 -0.17 20.63 -7.86
C TYR D 87 0.79 21.07 -6.75
N TYR D 88 0.74 20.36 -5.63
CA TYR D 88 1.60 20.61 -4.48
C TYR D 88 2.45 19.39 -4.20
N CYS D 89 3.71 19.61 -3.86
CA CYS D 89 4.53 18.56 -3.28
C CYS D 89 4.49 18.65 -1.76
N GLN D 90 4.94 17.59 -1.10
CA GLN D 90 4.92 17.56 0.36
C GLN D 90 5.98 16.61 0.87
N GLN D 91 6.66 17.02 1.94
CA GLN D 91 7.50 16.13 2.73
C GLN D 91 6.71 15.70 3.96
N TYR D 92 6.92 14.44 4.38
CA TYR D 92 6.18 13.94 5.53
C TYR D 92 6.99 12.97 6.39
N GLY D 93 8.32 13.06 6.36
CA GLY D 93 9.14 12.23 7.22
C GLY D 93 9.45 12.89 8.54
N ARG D 94 9.48 14.22 8.56
CA ARG D 94 9.85 14.98 9.74
C ARG D 94 9.00 16.24 9.81
N SER D 95 8.66 16.65 11.04
CA SER D 95 7.95 17.90 11.25
C SER D 95 8.89 19.08 11.06
N PRO D 96 8.43 20.17 10.42
CA PRO D 96 7.09 20.37 9.85
C PRO D 96 6.92 19.62 8.52
N ARG D 97 5.81 18.89 8.38
CA ARG D 97 5.53 18.12 7.17
C ARG D 97 4.80 19.04 6.19
N SER D 98 5.58 19.94 5.60
CA SER D 98 5.07 21.10 4.87
C SER D 98 4.90 20.81 3.39
N PHE D 99 4.11 21.66 2.74
CA PHE D 99 3.91 21.63 1.30
C PHE D 99 4.80 22.66 0.62
N GLY D 100 4.84 22.60 -0.71
CA GLY D 100 5.35 23.69 -1.50
C GLY D 100 4.27 24.72 -1.77
N GLN D 101 4.67 25.84 -2.37
CA GLN D 101 3.70 26.90 -2.65
C GLN D 101 2.70 26.49 -3.74
N GLY D 102 3.03 25.49 -4.54
CA GLY D 102 2.12 24.97 -5.55
C GLY D 102 2.46 25.49 -6.95
N THR D 103 1.98 24.76 -7.95
CA THR D 103 2.19 25.13 -9.35
C THR D 103 0.89 24.96 -10.11
N ARG D 104 0.43 26.03 -10.76
CA ARG D 104 -0.81 26.00 -11.53
C ARG D 104 -0.53 25.49 -12.94
N LEU D 105 -1.41 24.62 -13.45
CA LEU D 105 -1.30 24.05 -14.78
C LEU D 105 -2.44 24.60 -15.62
N GLU D 106 -2.12 25.39 -16.65
CA GLU D 106 -3.13 26.02 -17.49
C GLU D 106 -3.25 25.28 -18.81
N ILE D 107 -4.48 25.20 -19.34
CA ILE D 107 -4.70 24.57 -20.64
C ILE D 107 -4.43 25.59 -21.73
N LYS D 108 -3.63 25.22 -22.72
CA LYS D 108 -3.47 26.06 -23.90
C LYS D 108 -4.63 25.84 -24.85
N ARG D 109 -5.02 26.90 -25.53
CA ARG D 109 -6.20 26.85 -26.40
C ARG D 109 -6.08 27.95 -27.43
N THR D 110 -6.83 27.78 -28.53
CA THR D 110 -6.90 28.82 -29.54
C THR D 110 -7.51 30.09 -28.94
N VAL D 111 -6.97 31.24 -29.37
CA VAL D 111 -7.39 32.51 -28.80
C VAL D 111 -8.84 32.79 -29.12
N ALA D 112 -9.63 33.07 -28.09
CA ALA D 112 -11.05 33.39 -28.22
C ALA D 112 -11.30 34.85 -27.91
N ALA D 113 -12.48 35.33 -28.30
CA ALA D 113 -12.80 36.74 -28.14
C ALA D 113 -13.78 36.95 -26.98
N PRO D 114 -13.58 38.00 -26.19
CA PRO D 114 -14.50 38.29 -25.08
C PRO D 114 -15.72 39.04 -25.56
N SER D 115 -16.89 38.40 -25.41
CA SER D 115 -18.17 39.06 -25.68
C SER D 115 -18.46 39.98 -24.51
N VAL D 116 -18.26 41.28 -24.72
CA VAL D 116 -18.32 42.27 -23.65
C VAL D 116 -19.76 42.72 -23.43
N PHE D 117 -20.14 42.86 -22.18
CA PHE D 117 -21.45 43.36 -21.78
C PHE D 117 -21.27 44.42 -20.70
N ILE D 118 -22.35 45.13 -20.38
CA ILE D 118 -22.32 46.19 -19.39
C ILE D 118 -23.68 46.23 -18.70
N PHE D 119 -23.68 46.63 -17.42
CA PHE D 119 -24.89 46.68 -16.62
C PHE D 119 -24.93 47.97 -15.81
N PRO D 120 -26.04 48.71 -15.86
CA PRO D 120 -26.15 49.93 -15.07
C PRO D 120 -26.55 49.63 -13.64
N PRO D 121 -26.29 50.54 -12.70
CA PRO D 121 -26.72 50.32 -11.32
C PRO D 121 -28.24 50.41 -11.20
N SER D 122 -28.80 49.54 -10.37
CA SER D 122 -30.24 49.49 -10.18
C SER D 122 -30.69 50.66 -9.30
N ASP D 123 -31.95 51.08 -9.50
CA ASP D 123 -32.53 52.12 -8.66
C ASP D 123 -32.63 51.66 -7.21
N GLU D 124 -32.71 50.35 -6.99
CA GLU D 124 -32.77 49.83 -5.61
C GLU D 124 -31.46 50.10 -4.89
N GLN D 125 -30.33 50.04 -5.59
CA GLN D 125 -29.05 50.35 -4.98
C GLN D 125 -28.82 51.86 -4.91
N LEU D 126 -29.41 52.63 -5.83
CA LEU D 126 -29.22 54.08 -5.82
C LEU D 126 -29.78 54.71 -4.56
N LYS D 127 -30.99 54.28 -4.15
CA LYS D 127 -31.59 54.80 -2.93
C LYS D 127 -30.87 54.35 -1.67
N SER D 128 -29.95 53.39 -1.78
CA SER D 128 -29.17 52.96 -0.62
C SER D 128 -28.01 53.90 -0.33
N GLY D 129 -27.50 54.59 -1.34
CA GLY D 129 -26.40 55.53 -1.16
C GLY D 129 -25.18 55.26 -2.00
N THR D 130 -25.12 54.14 -2.73
CA THR D 130 -23.97 53.81 -3.56
C THR D 130 -24.46 53.32 -4.92
N ALA D 131 -23.52 53.26 -5.87
CA ALA D 131 -23.83 52.84 -7.23
C ALA D 131 -22.71 51.94 -7.74
N SER D 132 -23.08 50.81 -8.34
CA SER D 132 -22.12 49.85 -8.87
C SER D 132 -22.43 49.58 -10.33
N VAL D 133 -21.44 49.78 -11.19
CA VAL D 133 -21.54 49.47 -12.61
C VAL D 133 -20.68 48.24 -12.90
N VAL D 134 -21.23 47.31 -13.67
CA VAL D 134 -20.60 46.01 -13.90
C VAL D 134 -20.30 45.87 -15.40
N CYS D 135 -19.05 45.56 -15.71
CA CYS D 135 -18.62 45.25 -17.07
C CYS D 135 -18.22 43.79 -17.13
N LEU D 136 -18.85 43.04 -18.05
CA LEU D 136 -18.71 41.59 -18.11
C LEU D 136 -17.93 41.18 -19.36
N LEU D 137 -16.95 40.29 -19.17
CA LEU D 137 -16.24 39.64 -20.26
C LEU D 137 -16.49 38.14 -20.13
N ASN D 138 -17.20 37.57 -21.09
CA ASN D 138 -17.65 36.18 -21.00
C ASN D 138 -16.92 35.33 -22.03
N ASN D 139 -16.25 34.29 -21.55
CA ASN D 139 -15.55 33.31 -22.39
C ASN D 139 -14.50 33.96 -23.28
N PHE D 140 -13.26 34.05 -22.78
CA PHE D 140 -12.17 34.62 -23.55
C PHE D 140 -10.87 33.91 -23.19
N TYR D 141 -9.91 33.97 -24.10
CA TYR D 141 -8.60 33.38 -23.93
C TYR D 141 -7.60 34.23 -24.69
N PRO D 142 -6.41 34.47 -24.14
CA PRO D 142 -5.90 33.99 -22.84
C PRO D 142 -6.37 34.82 -21.65
N ARG D 143 -5.71 34.68 -20.52
CA ARG D 143 -6.16 35.36 -19.31
C ARG D 143 -5.85 36.86 -19.35
N GLU D 144 -4.81 37.25 -20.09
CA GLU D 144 -4.40 38.64 -20.15
C GLU D 144 -5.49 39.50 -20.78
N ALA D 145 -5.92 40.53 -20.05
CA ALA D 145 -6.96 41.43 -20.52
C ALA D 145 -6.82 42.76 -19.80
N LYS D 146 -7.28 43.82 -20.45
CA LYS D 146 -7.20 45.17 -19.93
C LYS D 146 -8.58 45.82 -20.01
N VAL D 147 -9.12 46.22 -18.86
CA VAL D 147 -10.44 46.83 -18.78
C VAL D 147 -10.30 48.19 -18.13
N GLN D 148 -10.76 49.23 -18.82
CA GLN D 148 -10.71 50.60 -18.33
C GLN D 148 -12.13 51.14 -18.16
N TRP D 149 -12.30 52.00 -17.17
CA TRP D 149 -13.58 52.66 -16.93
C TRP D 149 -13.52 54.10 -17.41
N LYS D 150 -14.53 54.50 -18.18
CA LYS D 150 -14.59 55.82 -18.79
C LYS D 150 -15.89 56.50 -18.35
N VAL D 151 -15.83 57.23 -17.25
CA VAL D 151 -16.93 58.11 -16.86
C VAL D 151 -16.89 59.33 -17.77
N ASP D 152 -17.97 59.54 -18.54
CA ASP D 152 -17.99 60.46 -19.66
C ASP D 152 -16.89 60.07 -20.63
N ASN D 153 -15.74 60.74 -20.55
CA ASN D 153 -14.56 60.33 -21.31
C ASN D 153 -13.27 60.51 -20.53
N ALA D 154 -13.34 60.98 -19.29
CA ALA D 154 -12.17 61.04 -18.42
C ALA D 154 -11.90 59.66 -17.84
N LEU D 155 -10.68 59.18 -18.01
CA LEU D 155 -10.31 57.86 -17.49
C LEU D 155 -10.41 57.84 -15.97
N GLN D 156 -10.97 56.74 -15.44
CA GLN D 156 -11.13 56.55 -14.02
C GLN D 156 -10.11 55.55 -13.51
N SER D 157 -9.59 55.79 -12.31
CA SER D 157 -8.57 54.93 -11.72
C SER D 157 -8.73 54.91 -10.21
N GLY D 158 -8.41 53.77 -9.61
CA GLY D 158 -8.49 53.65 -8.17
C GLY D 158 -9.89 53.54 -7.62
N ASN D 159 -10.84 53.05 -8.43
CA ASN D 159 -12.22 52.94 -7.95
C ASN D 159 -12.94 51.73 -8.53
N SER D 160 -12.23 50.72 -9.02
CA SER D 160 -12.85 49.53 -9.57
C SER D 160 -12.04 48.31 -9.16
N GLN D 161 -12.72 47.17 -9.12
CA GLN D 161 -12.10 45.89 -8.77
C GLN D 161 -12.55 44.82 -9.75
N GLU D 162 -11.63 43.93 -10.11
CA GLU D 162 -11.86 42.90 -11.09
C GLU D 162 -11.84 41.52 -10.43
N SER D 163 -12.59 40.59 -10.99
CA SER D 163 -12.68 39.23 -10.47
C SER D 163 -12.65 38.26 -11.63
N VAL D 164 -11.64 37.38 -11.63
CA VAL D 164 -11.44 36.41 -12.71
C VAL D 164 -11.90 35.05 -12.23
N THR D 165 -12.68 34.36 -13.06
CA THR D 165 -13.04 32.98 -12.78
C THR D 165 -11.86 32.07 -13.13
N GLU D 166 -12.08 30.77 -13.00
CA GLU D 166 -11.06 29.79 -13.35
C GLU D 166 -11.41 29.15 -14.69
N GLN D 167 -10.45 28.39 -15.23
CA GLN D 167 -10.63 27.79 -16.54
C GLN D 167 -11.78 26.78 -16.53
N ASP D 168 -12.76 27.02 -17.41
CA ASP D 168 -13.89 26.11 -17.51
C ASP D 168 -13.43 24.75 -18.03
N SER D 169 -14.14 23.70 -17.59
CA SER D 169 -13.79 22.35 -18.03
C SER D 169 -14.21 22.11 -19.48
N LYS D 170 -15.27 22.78 -19.93
CA LYS D 170 -15.77 22.60 -21.29
C LYS D 170 -15.11 23.55 -22.27
N ASP D 171 -15.12 24.85 -21.98
CA ASP D 171 -14.61 25.86 -22.89
C ASP D 171 -13.13 26.13 -22.74
N SER D 172 -12.54 25.79 -21.58
CA SER D 172 -11.13 26.03 -21.29
C SER D 172 -10.77 27.51 -21.40
N THR D 173 -11.74 28.38 -21.17
CA THR D 173 -11.56 29.83 -21.24
C THR D 173 -11.74 30.43 -19.84
N TYR D 174 -11.81 31.76 -19.80
CA TYR D 174 -11.97 32.50 -18.56
C TYR D 174 -13.23 33.34 -18.62
N SER D 175 -13.37 34.23 -17.64
CA SER D 175 -14.46 35.21 -17.57
C SER D 175 -14.11 36.27 -16.53
N LEU D 176 -14.14 37.54 -16.93
CA LEU D 176 -13.74 38.64 -16.07
C LEU D 176 -14.93 39.55 -15.80
N SER D 177 -14.88 40.25 -14.67
CA SER D 177 -15.94 41.18 -14.30
C SER D 177 -15.33 42.29 -13.45
N SER D 178 -15.39 43.52 -13.95
CA SER D 178 -14.96 44.70 -13.21
C SER D 178 -16.19 45.43 -12.68
N THR D 179 -16.08 45.95 -11.46
CA THR D 179 -17.17 46.66 -10.79
C THR D 179 -16.71 48.05 -10.42
N LEU D 180 -17.32 49.06 -11.05
CA LEU D 180 -17.01 50.46 -10.76
C LEU D 180 -17.94 50.93 -9.64
N THR D 181 -17.37 51.17 -8.47
CA THR D 181 -18.13 51.59 -7.30
C THR D 181 -17.88 53.07 -7.03
N LEU D 182 -18.91 53.88 -7.17
CA LEU D 182 -18.85 55.30 -6.87
C LEU D 182 -20.07 55.69 -6.03
N SER D 183 -19.90 56.77 -5.26
CA SER D 183 -20.99 57.25 -4.42
C SER D 183 -22.16 57.72 -5.28
N LYS D 184 -23.32 57.85 -4.64
CA LYS D 184 -24.49 58.34 -5.34
C LYS D 184 -24.27 59.74 -5.88
N ALA D 185 -23.46 60.55 -5.19
CA ALA D 185 -23.19 61.91 -5.65
C ALA D 185 -22.41 61.91 -6.96
N ASP D 186 -21.32 61.14 -7.01
CA ASP D 186 -20.52 61.08 -8.23
C ASP D 186 -21.24 60.41 -9.38
N TYR D 187 -22.23 59.56 -9.09
CA TYR D 187 -23.09 59.04 -10.14
C TYR D 187 -24.04 60.10 -10.66
N GLU D 188 -24.23 61.19 -9.91
CA GLU D 188 -25.06 62.30 -10.34
C GLU D 188 -24.26 63.39 -11.04
N LYS D 189 -22.97 63.52 -10.72
CA LYS D 189 -22.11 64.51 -11.34
C LYS D 189 -21.89 64.25 -12.83
N HIS D 190 -22.11 63.02 -13.30
CA HIS D 190 -21.90 62.68 -14.69
C HIS D 190 -23.14 61.98 -15.23
N LYS D 191 -23.07 61.60 -16.52
CA LYS D 191 -24.19 61.01 -17.24
C LYS D 191 -23.83 59.77 -18.05
N VAL D 192 -22.61 59.61 -18.57
CA VAL D 192 -22.28 58.53 -19.50
C VAL D 192 -21.17 57.68 -18.90
N TYR D 193 -21.33 56.37 -18.97
CA TYR D 193 -20.33 55.43 -18.47
C TYR D 193 -20.07 54.34 -19.50
N ALA D 194 -18.81 53.94 -19.63
CA ALA D 194 -18.44 52.95 -20.62
C ALA D 194 -17.16 52.26 -20.19
N CYS D 195 -17.04 50.98 -20.56
CA CYS D 195 -15.83 50.21 -20.31
C CYS D 195 -15.22 49.81 -21.64
N GLU D 196 -13.98 50.20 -21.87
CA GLU D 196 -13.24 49.88 -23.08
C GLU D 196 -12.41 48.63 -22.82
N VAL D 197 -12.64 47.58 -23.60
CA VAL D 197 -11.96 46.30 -23.43
C VAL D 197 -10.95 46.14 -24.55
N THR D 198 -9.67 46.10 -24.18
CA THR D 198 -8.58 45.87 -25.12
C THR D 198 -8.01 44.48 -24.87
N HIS D 199 -8.11 43.62 -25.87
CA HIS D 199 -7.69 42.23 -25.76
C HIS D 199 -6.83 41.85 -26.96
N GLN D 200 -5.87 40.95 -26.73
CA GLN D 200 -5.00 40.50 -27.80
C GLN D 200 -5.80 39.80 -28.90
N GLY D 201 -6.79 39.02 -28.53
CA GLY D 201 -7.70 38.41 -29.48
C GLY D 201 -8.78 39.32 -30.02
N LEU D 202 -8.66 40.62 -29.77
CA LEU D 202 -9.62 41.61 -30.22
C LEU D 202 -8.94 42.50 -31.26
N SER D 203 -9.55 42.59 -32.45
CA SER D 203 -8.96 43.38 -33.51
C SER D 203 -8.92 44.86 -33.16
N SER D 204 -9.83 45.32 -32.32
CA SER D 204 -9.90 46.71 -31.89
C SER D 204 -10.57 46.77 -30.54
N PRO D 205 -10.29 47.80 -29.73
CA PRO D 205 -10.94 47.92 -28.44
C PRO D 205 -12.46 48.07 -28.58
N VAL D 206 -13.19 47.14 -27.97
CA VAL D 206 -14.65 47.17 -27.98
C VAL D 206 -15.13 47.95 -26.77
N THR D 207 -16.14 48.80 -26.99
CA THR D 207 -16.67 49.68 -25.94
C THR D 207 -18.19 49.54 -25.89
N LYS D 208 -18.68 48.84 -24.88
CA LYS D 208 -20.11 48.79 -24.58
C LYS D 208 -20.43 49.86 -23.54
N SER D 209 -21.47 50.65 -23.81
CA SER D 209 -21.79 51.81 -23.00
C SER D 209 -23.27 51.85 -22.67
N PHE D 210 -23.60 52.68 -21.68
CA PHE D 210 -24.98 52.97 -21.32
C PHE D 210 -25.07 54.43 -20.89
N ASN D 211 -26.25 55.01 -21.05
CA ASN D 211 -26.46 56.39 -20.64
C ASN D 211 -27.51 56.47 -19.54
N ARG D 212 -28.29 57.55 -19.53
CA ARG D 212 -29.34 57.81 -18.55
C ARG D 212 -28.79 57.94 -17.12
N GLY D 213 -27.48 57.96 -16.96
CA GLY D 213 -26.90 58.17 -15.64
C GLY D 213 -27.11 59.60 -15.18
N GLU D 214 -27.41 59.76 -13.90
CA GLU D 214 -27.73 61.07 -13.34
C GLU D 214 -27.79 61.02 -11.82
N GLU E 2 -9.15 -7.39 -8.87
CA GLU E 2 -9.10 -7.89 -7.50
C GLU E 2 -7.71 -8.41 -7.16
N GLU E 3 -7.06 -9.04 -8.14
CA GLU E 3 -5.69 -9.52 -7.97
C GLU E 3 -4.64 -8.43 -8.08
N ASN E 4 -5.02 -7.26 -8.60
CA ASN E 4 -4.07 -6.15 -8.79
C ASN E 4 -4.23 -5.17 -7.63
N VAL E 5 -3.61 -5.53 -6.51
CA VAL E 5 -3.54 -4.64 -5.34
C VAL E 5 -2.31 -3.75 -5.53
N GLU E 6 -2.56 -2.45 -5.69
CA GLU E 6 -1.48 -1.49 -5.89
C GLU E 6 -0.73 -1.28 -4.57
N GLU E 7 0.34 -0.48 -4.65
CA GLU E 7 1.14 -0.17 -3.46
C GLU E 7 0.37 0.83 -2.62
N ASN E 8 -0.28 0.34 -1.56
CA ASN E 8 -1.10 1.20 -0.72
C ASN E 8 -0.24 2.16 0.10
N VAL E 9 -0.88 3.21 0.58
CA VAL E 9 -0.20 4.28 1.29
C VAL E 9 0.01 3.87 2.74
N GLU E 10 1.21 4.14 3.25
CA GLU E 10 1.49 4.01 4.68
C GLU E 10 1.05 5.31 5.34
N GLU E 11 -0.12 5.28 5.98
CA GLU E 11 -0.71 6.48 6.54
C GLU E 11 -0.23 6.79 7.96
N ASN E 12 0.49 5.87 8.59
CA ASN E 12 1.00 6.07 9.95
C ASN E 12 2.54 6.14 9.85
N VAL E 13 3.04 7.32 9.55
CA VAL E 13 4.47 7.57 9.42
C VAL E 13 4.96 8.22 10.71
N GLU E 14 5.80 7.51 11.45
CA GLU E 14 6.37 8.06 12.68
C GLU E 14 7.31 9.22 12.36
N GLU E 15 7.64 9.98 13.40
CA GLU E 15 8.57 11.09 13.24
C GLU E 15 9.99 10.56 13.08
N ASN E 16 10.72 11.08 12.09
CA ASN E 16 12.08 10.67 11.84
C ASN E 16 13.05 11.65 12.51
N VAL E 17 14.12 11.11 13.09
CA VAL E 17 15.13 11.90 13.76
C VAL E 17 16.49 11.54 13.17
N GLY E 18 17.29 12.57 12.87
CA GLY E 18 18.60 12.36 12.29
C GLY E 18 18.76 13.05 10.94
#